data_8WVW
#
_entry.id   8WVW
#
_cell.length_a   1.00
_cell.length_b   1.00
_cell.length_c   1.00
_cell.angle_alpha   90.00
_cell.angle_beta   90.00
_cell.angle_gamma   90.00
#
_symmetry.space_group_name_H-M   'P 1'
#
_entity_poly.entity_id   1
_entity_poly.type   'polypeptide(L)'
_entity_poly.pdbx_seq_one_letter_code
;MKTIIALSYIFCLVFADYKDDDDAAPPLCAAPCSCDGDRRVDCSGKGLTAVPEGLSAFTQALDISMNNITQLPEDAFKNF
PFLEELQLAGNDLSFIHPKALSGLKELKVLTLQNNQLKTVPSEAIRGLSALQSLRLDANHITSVPEDSFEGLVQLRHLWL
DDNSLTEVPVHPLSNLPTLQALTLALNKISSIPDFAFTNLSSLVVLHLHNNKIRSLSQHCFDGLDNLETLDLNYNNLGEF
PQAIKALPSLKELGFHSNSISVIPDGAFDGNPLLRTIHLYDNPLSFVGNSAFHNLSDLHSLVIRGASMVQQFPNLTGTVH
LESLTLTGTKISSIPNNLCQEQKMLRTLDLSYNNIRDLPSFNGCHALEEISLQRNQIYQIKEGTFQGLISLRILDLSRNL
IHEIHSRAFATLGPITNLDVSFNELTSFPTEGLNGLNQLKLVGNFKLKEALAAKDFVNLRSLSVPYAYQCCAFWGCDSYA
NLNTEDNSLQDHSVAQEKGTADAANVTSTLENEEHSQIIIHCTPSTGAFKPCEYLLGSWMIRLTVWFIFLVALFFNLLVI
LTTFASCTSLPSSKLFIGLISVSNLFMGIYTGILTFLDAVSWGRFAEFGIWWETGSGCKVAGFLAVFSSESAIFLLMLAT
VERSLSAKDIMKNGKSNHLKQFRVAALLAFLGATVAGCFPLFHRGEYSASPLCLPFPTGETPSLGFTVTLVLLNSLAFLL
MAVIYTKLYCNLEKEDLSENSQSSMIKHVAWLIFTNCIFFCPVAFFSFAPLITAISISPEIMKSVTLIFFPLPACLNPVL
YVFFNPKFKEDWKLLKRRVTKKSGSVSVSISS
;
_entity_poly.pdbx_strand_id   A
#
# COMPACT_ATOMS: atom_id res chain seq x y z
N ALA A 31 6.42 -55.09 -32.21
CA ALA A 31 7.32 -54.20 -32.98
C ALA A 31 8.65 -54.08 -32.24
N PRO A 32 9.78 -54.47 -32.86
CA PRO A 32 11.07 -54.30 -32.24
C PRO A 32 11.05 -52.89 -31.65
N CYS A 33 10.43 -51.97 -32.37
CA CYS A 33 10.51 -50.57 -31.91
C CYS A 33 9.46 -49.68 -32.56
N SER A 34 8.69 -48.96 -31.75
CA SER A 34 7.58 -48.13 -32.27
C SER A 34 7.95 -47.35 -33.55
N CYS A 35 7.05 -47.31 -34.53
CA CYS A 35 7.37 -46.64 -35.81
C CYS A 35 6.25 -45.67 -36.24
N ASP A 36 6.41 -44.98 -37.38
CA ASP A 36 5.47 -43.94 -37.91
C ASP A 36 5.45 -44.04 -39.43
N GLY A 37 4.67 -43.18 -40.16
CA GLY A 37 4.70 -43.47 -41.57
C GLY A 37 5.57 -42.58 -42.43
N ASP A 38 6.42 -41.72 -41.86
CA ASP A 38 7.27 -40.81 -42.63
C ASP A 38 8.70 -41.33 -42.74
N ARG A 39 8.90 -42.65 -42.86
CA ARG A 39 10.22 -43.28 -42.95
C ARG A 39 11.10 -42.91 -41.76
N ARG A 40 10.52 -42.83 -40.60
CA ARG A 40 11.20 -42.42 -39.39
C ARG A 40 10.96 -43.46 -38.31
N VAL A 41 12.02 -43.76 -37.55
CA VAL A 41 11.94 -44.69 -36.43
C VAL A 41 12.00 -43.89 -35.13
N ASP A 42 11.03 -44.07 -34.30
CA ASP A 42 10.91 -43.33 -33.04
C ASP A 42 10.89 -44.36 -31.92
N CYS A 43 12.11 -44.72 -31.45
CA CYS A 43 12.27 -45.76 -30.43
C CYS A 43 12.25 -45.21 -29.01
N SER A 44 11.61 -44.08 -28.81
CA SER A 44 11.58 -43.48 -27.49
C SER A 44 10.79 -44.34 -26.50
N GLY A 45 11.17 -44.24 -25.25
CA GLY A 45 10.46 -44.93 -24.19
C GLY A 45 10.53 -46.44 -24.24
N LYS A 46 11.81 -46.96 -24.44
CA LYS A 46 11.96 -48.42 -24.51
C LYS A 46 13.10 -48.97 -23.67
N GLY A 47 14.14 -48.18 -23.28
CA GLY A 47 15.25 -48.67 -22.51
C GLY A 47 16.15 -49.65 -23.24
N LEU A 48 16.54 -49.31 -24.50
CA LEU A 48 17.46 -50.14 -25.26
C LEU A 48 18.84 -50.19 -24.61
N THR A 49 19.54 -51.28 -24.82
CA THR A 49 20.91 -51.47 -24.35
C THR A 49 21.90 -51.61 -25.50
N ALA A 50 21.49 -51.34 -26.74
CA ALA A 50 22.36 -51.45 -27.92
C ALA A 50 21.72 -50.70 -29.07
N VAL A 51 22.45 -50.63 -30.21
CA VAL A 51 21.92 -49.99 -31.41
C VAL A 51 20.78 -50.85 -31.97
N PRO A 52 19.64 -50.30 -32.27
CA PRO A 52 18.57 -51.10 -32.88
C PRO A 52 19.01 -51.70 -34.21
N GLU A 53 18.54 -52.91 -34.46
CA GLU A 53 18.94 -53.65 -35.64
C GLU A 53 17.71 -54.08 -36.43
N GLY A 54 17.93 -54.41 -37.71
CA GLY A 54 16.86 -54.84 -38.59
C GLY A 54 16.01 -53.74 -39.16
N LEU A 55 16.37 -52.51 -38.94
CA LEU A 55 15.59 -51.39 -39.46
C LEU A 55 15.90 -51.16 -40.94
N SER A 56 15.01 -50.35 -41.61
CA SER A 56 15.16 -50.10 -43.04
C SER A 56 16.38 -49.23 -43.31
N ALA A 57 17.02 -49.51 -44.42
CA ALA A 57 18.18 -48.72 -44.82
C ALA A 57 17.80 -47.32 -45.29
N PHE A 58 16.49 -47.08 -45.51
CA PHE A 58 16.00 -45.77 -45.91
C PHE A 58 15.48 -44.95 -44.75
N THR A 59 15.92 -45.25 -43.50
CA THR A 59 15.46 -44.54 -42.32
C THR A 59 15.86 -43.07 -42.38
N GLN A 60 14.94 -42.05 -42.53
CA GLN A 60 15.25 -40.62 -42.62
C GLN A 60 15.69 -40.05 -41.27
N ALA A 61 15.12 -40.51 -40.18
CA ALA A 61 15.44 -39.97 -38.86
C ALA A 61 15.51 -41.11 -37.86
N LEU A 62 16.57 -41.20 -37.13
CA LEU A 62 16.78 -42.22 -36.11
C LEU A 62 16.65 -41.56 -34.74
N ASP A 63 15.49 -41.90 -34.06
CA ASP A 63 15.23 -41.35 -32.73
C ASP A 63 15.32 -42.48 -31.72
N ILE A 64 16.28 -42.43 -30.82
CA ILE A 64 16.51 -43.46 -29.81
C ILE A 64 16.61 -42.80 -28.44
N SER A 65 15.87 -41.68 -28.20
CA SER A 65 15.95 -40.93 -26.96
C SER A 65 15.26 -41.70 -25.82
N MET A 66 15.66 -41.37 -24.55
CA MET A 66 15.06 -41.91 -23.33
C MET A 66 15.25 -43.43 -23.24
N ASN A 67 16.53 -43.84 -23.20
CA ASN A 67 16.88 -45.23 -22.93
C ASN A 67 18.17 -45.23 -22.11
N ASN A 68 18.86 -46.34 -22.01
CA ASN A 68 19.93 -46.53 -21.05
C ASN A 68 21.16 -47.17 -21.70
N ILE A 69 21.58 -46.71 -22.83
CA ILE A 69 22.81 -47.15 -23.48
C ILE A 69 23.92 -46.16 -23.14
N THR A 70 25.15 -46.67 -22.84
CA THR A 70 26.25 -45.83 -22.34
C THR A 70 27.35 -45.63 -23.35
N GLN A 71 27.53 -46.60 -24.32
CA GLN A 71 28.60 -46.46 -25.30
C GLN A 71 28.17 -47.17 -26.58
N LEU A 72 28.77 -46.87 -27.67
CA LEU A 72 28.45 -47.44 -28.98
C LEU A 72 29.70 -48.02 -29.62
N PRO A 73 29.64 -49.19 -30.18
CA PRO A 73 30.80 -49.78 -30.87
C PRO A 73 31.03 -49.06 -32.21
N GLU A 74 32.14 -49.42 -32.86
CA GLU A 74 32.49 -48.79 -34.13
C GLU A 74 31.46 -49.16 -35.20
N ASP A 75 31.20 -48.23 -36.07
CA ASP A 75 30.24 -48.40 -37.17
C ASP A 75 28.87 -48.81 -36.63
N ALA A 76 28.48 -48.13 -35.54
CA ALA A 76 27.21 -48.46 -34.92
C ALA A 76 26.03 -48.07 -35.80
N PHE A 77 26.25 -47.03 -36.60
CA PHE A 77 25.18 -46.55 -37.47
C PHE A 77 25.52 -46.75 -38.94
N LYS A 78 26.26 -47.82 -39.26
CA LYS A 78 26.61 -48.11 -40.65
C LYS A 78 25.39 -48.57 -41.44
N ASN A 79 24.40 -49.16 -40.76
CA ASN A 79 23.24 -49.72 -41.43
C ASN A 79 22.31 -48.66 -42.01
N PHE A 80 22.54 -47.40 -41.73
CA PHE A 80 21.64 -46.31 -42.14
C PHE A 80 22.43 -45.31 -42.96
N PRO A 81 22.71 -45.66 -44.23
CA PRO A 81 23.42 -44.70 -45.07
C PRO A 81 22.68 -43.40 -45.31
N PHE A 82 21.46 -43.33 -45.36
CA PHE A 82 20.64 -42.15 -45.61
C PHE A 82 20.03 -41.62 -44.31
N LEU A 83 20.89 -41.11 -43.42
CA LEU A 83 20.49 -40.60 -42.12
C LEU A 83 20.46 -39.08 -42.14
N GLU A 84 19.47 -38.40 -41.61
CA GLU A 84 19.30 -36.95 -41.58
C GLU A 84 19.18 -36.38 -40.18
N GLU A 85 18.39 -36.85 -39.33
CA GLU A 85 18.09 -36.30 -38.02
C GLU A 85 18.40 -37.36 -36.96
N LEU A 86 19.49 -37.43 -36.44
CA LEU A 86 19.86 -38.33 -35.35
C LEU A 86 19.60 -37.64 -34.01
N GLN A 87 18.89 -38.42 -33.10
CA GLN A 87 18.43 -37.86 -31.84
C GLN A 87 18.67 -38.90 -30.74
N LEU A 88 19.65 -38.64 -29.94
CA LEU A 88 19.95 -39.48 -28.79
C LEU A 88 20.16 -38.64 -27.53
N ALA A 89 19.31 -37.70 -27.43
CA ALA A 89 19.37 -36.87 -26.24
C ALA A 89 18.65 -37.54 -25.08
N GLY A 90 18.88 -37.17 -23.90
CA GLY A 90 18.32 -37.79 -22.71
C GLY A 90 18.69 -39.24 -22.55
N ASN A 91 19.74 -39.66 -23.19
CA ASN A 91 20.16 -41.05 -23.22
C ASN A 91 21.18 -41.38 -22.14
N ASP A 92 21.91 -40.28 -21.62
CA ASP A 92 22.97 -40.45 -20.61
C ASP A 92 24.13 -41.25 -21.20
N LEU A 93 24.77 -40.76 -22.35
CA LEU A 93 26.02 -41.30 -22.85
C LEU A 93 27.17 -40.90 -21.94
N SER A 94 28.18 -41.81 -21.86
CA SER A 94 29.35 -41.55 -21.04
C SER A 94 30.62 -41.39 -21.87
N PHE A 95 30.95 -42.46 -22.86
CA PHE A 95 32.15 -42.43 -23.69
C PHE A 95 31.77 -42.88 -25.10
N ILE A 96 32.42 -42.19 -26.16
CA ILE A 96 32.10 -42.46 -27.56
C ILE A 96 33.34 -43.03 -28.25
N HIS A 97 33.29 -44.14 -29.04
CA HIS A 97 34.36 -44.71 -29.84
C HIS A 97 34.56 -43.85 -31.09
N PRO A 98 35.91 -43.49 -31.56
CA PRO A 98 36.14 -42.43 -32.55
C PRO A 98 35.98 -42.88 -34.00
N LYS A 99 35.24 -44.09 -34.15
CA LYS A 99 34.81 -44.51 -35.48
C LYS A 99 33.37 -45.00 -35.44
N ALA A 100 32.61 -44.91 -34.29
CA ALA A 100 31.24 -45.39 -34.16
C ALA A 100 30.26 -44.54 -34.96
N LEU A 101 30.40 -43.16 -34.93
CA LEU A 101 29.49 -42.23 -35.59
C LEU A 101 29.84 -42.02 -37.06
N SER A 102 30.98 -42.57 -37.45
CA SER A 102 31.39 -42.40 -38.83
C SER A 102 30.42 -43.09 -39.78
N GLY A 103 30.55 -42.74 -41.00
CA GLY A 103 29.68 -43.26 -42.02
C GLY A 103 28.45 -42.42 -42.31
N LEU A 104 28.21 -41.39 -41.54
CA LEU A 104 27.07 -40.50 -41.74
C LEU A 104 27.59 -39.24 -42.43
N LYS A 105 27.50 -39.30 -43.67
CA LYS A 105 28.02 -38.20 -44.46
C LYS A 105 26.93 -37.25 -44.96
N GLU A 106 25.61 -37.42 -44.48
CA GLU A 106 24.52 -36.61 -45.01
C GLU A 106 23.48 -36.23 -43.96
N LEU A 107 23.67 -36.52 -42.62
CA LEU A 107 22.70 -36.15 -41.58
C LEU A 107 22.72 -34.64 -41.34
N LYS A 108 21.57 -34.06 -40.80
CA LYS A 108 21.39 -32.62 -40.67
C LYS A 108 21.65 -32.13 -39.24
N VAL A 109 20.90 -32.56 -38.26
CA VAL A 109 20.91 -32.05 -36.89
C VAL A 109 21.28 -33.17 -35.94
N LEU A 110 22.24 -32.94 -35.10
CA LEU A 110 22.67 -33.88 -34.08
C LEU A 110 22.37 -33.28 -32.71
N THR A 111 21.76 -34.15 -31.87
CA THR A 111 21.32 -33.70 -30.57
C THR A 111 21.84 -34.65 -29.49
N LEU A 112 22.53 -34.20 -28.52
CA LEU A 112 23.07 -35.00 -27.42
C LEU A 112 22.92 -34.27 -26.08
N GLN A 113 21.73 -33.65 -25.82
CA GLN A 113 21.53 -32.96 -24.55
C GLN A 113 21.18 -33.96 -23.45
N ASN A 114 21.18 -33.37 -22.18
CA ASN A 114 20.84 -34.18 -21.01
C ASN A 114 21.75 -35.40 -20.90
N ASN A 115 23.05 -35.09 -21.15
CA ASN A 115 24.04 -36.16 -21.17
C ASN A 115 25.15 -35.86 -20.15
N GLN A 116 26.21 -36.58 -20.17
CA GLN A 116 27.35 -36.43 -19.26
C GLN A 116 28.67 -36.49 -20.01
N LEU A 117 28.66 -35.92 -21.17
CA LEU A 117 29.89 -35.91 -21.95
C LEU A 117 30.89 -34.92 -21.36
N LYS A 118 32.00 -35.37 -20.91
CA LYS A 118 33.02 -34.51 -20.31
C LYS A 118 33.74 -33.68 -21.36
N THR A 119 34.01 -34.23 -22.48
CA THR A 119 34.70 -33.53 -23.56
C THR A 119 33.94 -33.73 -24.86
N VAL A 120 33.94 -32.77 -25.68
CA VAL A 120 33.21 -32.84 -26.96
C VAL A 120 33.84 -33.92 -27.83
N PRO A 121 33.03 -34.68 -28.58
CA PRO A 121 33.62 -35.68 -29.48
C PRO A 121 34.24 -34.80 -30.55
N SER A 122 35.56 -34.49 -30.40
CA SER A 122 36.20 -33.53 -31.30
C SER A 122 36.79 -34.46 -32.37
N GLU A 123 37.45 -35.57 -31.93
CA GLU A 123 37.97 -36.55 -32.87
C GLU A 123 36.89 -37.40 -33.50
N ALA A 124 35.62 -37.37 -33.09
CA ALA A 124 34.50 -38.12 -33.66
C ALA A 124 33.56 -37.26 -34.49
N ILE A 125 33.55 -35.98 -34.40
CA ILE A 125 32.70 -35.09 -35.18
C ILE A 125 33.44 -34.47 -36.36
N ARG A 126 34.57 -35.13 -36.75
CA ARG A 126 35.31 -34.61 -37.90
C ARG A 126 34.63 -34.98 -39.21
N GLY A 127 34.10 -36.22 -39.30
CA GLY A 127 33.37 -36.63 -40.49
C GLY A 127 31.94 -36.15 -40.54
N LEU A 128 31.49 -35.46 -39.48
CA LEU A 128 30.13 -34.92 -39.43
C LEU A 128 30.07 -33.58 -40.17
N SER A 129 30.25 -33.75 -41.47
CA SER A 129 30.45 -32.58 -42.31
C SER A 129 29.16 -32.05 -42.95
N ALA A 130 28.04 -32.66 -42.61
CA ALA A 130 26.78 -32.21 -43.19
C ALA A 130 25.82 -31.72 -42.12
N LEU A 131 26.46 -31.25 -40.90
CA LEU A 131 25.62 -30.87 -39.79
C LEU A 131 24.96 -29.51 -40.00
N GLN A 132 23.86 -29.26 -39.35
CA GLN A 132 23.18 -27.98 -39.31
C GLN A 132 22.91 -27.48 -37.89
N SER A 133 22.97 -28.26 -36.90
CA SER A 133 22.76 -27.85 -35.51
C SER A 133 23.33 -28.93 -34.60
N LEU A 134 24.42 -28.58 -33.83
CA LEU A 134 25.04 -29.50 -32.88
C LEU A 134 24.59 -29.11 -31.48
N ARG A 135 23.71 -29.98 -30.88
CA ARG A 135 23.13 -29.69 -29.56
C ARG A 135 23.91 -30.46 -28.50
N LEU A 136 25.01 -29.84 -28.02
CA LEU A 136 25.83 -30.41 -26.96
C LEU A 136 25.52 -29.80 -25.60
N ASP A 137 24.44 -28.98 -25.49
CA ASP A 137 24.09 -28.34 -24.23
C ASP A 137 23.60 -29.34 -23.21
N ALA A 138 23.36 -28.90 -21.99
CA ALA A 138 22.91 -29.75 -20.89
C ALA A 138 23.81 -30.98 -20.73
N ASN A 139 25.12 -30.66 -20.81
CA ASN A 139 26.11 -31.71 -20.76
C ASN A 139 27.07 -31.47 -19.60
N HIS A 140 27.98 -32.33 -19.46
CA HIS A 140 29.02 -32.22 -18.44
C HIS A 140 30.35 -31.75 -19.00
N ILE A 141 30.17 -30.96 -20.09
CA ILE A 141 31.38 -30.52 -20.79
C ILE A 141 32.15 -29.58 -19.88
N THR A 142 33.36 -29.85 -19.65
CA THR A 142 34.22 -28.98 -18.85
C THR A 142 35.28 -28.26 -19.66
N SER A 143 35.52 -28.81 -20.83
CA SER A 143 36.52 -28.18 -21.68
C SER A 143 36.44 -28.82 -23.06
N VAL A 144 36.75 -28.11 -24.04
CA VAL A 144 36.78 -28.58 -25.42
C VAL A 144 38.24 -28.66 -25.86
N PRO A 145 38.70 -29.53 -26.66
CA PRO A 145 40.08 -29.58 -27.16
C PRO A 145 40.30 -28.60 -28.29
N GLU A 146 41.61 -28.40 -28.65
CA GLU A 146 42.00 -27.37 -29.61
C GLU A 146 41.60 -27.74 -31.03
N ASP A 147 41.64 -28.93 -31.31
CA ASP A 147 41.38 -29.39 -32.67
C ASP A 147 39.91 -29.66 -32.96
N SER A 148 39.03 -29.16 -32.28
CA SER A 148 37.60 -29.39 -32.40
C SER A 148 37.02 -28.60 -33.57
N PHE A 149 35.80 -28.95 -33.99
CA PHE A 149 34.96 -28.22 -34.94
C PHE A 149 35.57 -28.13 -36.33
N GLU A 150 36.46 -29.12 -36.70
CA GLU A 150 37.03 -29.13 -38.04
C GLU A 150 36.12 -29.86 -39.01
N GLY A 151 35.90 -29.37 -40.13
CA GLY A 151 35.05 -29.94 -41.15
C GLY A 151 33.58 -29.58 -41.03
N LEU A 152 33.27 -28.83 -39.93
CA LEU A 152 31.88 -28.41 -39.74
C LEU A 152 31.72 -27.05 -40.41
N VAL A 153 31.73 -27.04 -41.73
CA VAL A 153 31.65 -25.80 -42.50
C VAL A 153 30.22 -25.42 -42.88
N GLN A 154 29.27 -26.18 -42.43
CA GLN A 154 27.88 -25.88 -42.74
C GLN A 154 27.02 -25.74 -41.50
N LEU A 155 27.64 -25.72 -40.26
CA LEU A 155 26.86 -25.61 -39.03
C LEU A 155 26.20 -24.24 -38.93
N ARG A 156 25.00 -24.25 -38.36
CA ARG A 156 24.22 -23.03 -38.21
C ARG A 156 23.87 -22.68 -36.77
N HIS A 157 23.57 -23.61 -35.93
CA HIS A 157 23.20 -23.38 -34.53
C HIS A 157 24.15 -24.16 -33.63
N LEU A 158 24.70 -23.40 -32.61
CA LEU A 158 25.55 -24.03 -31.60
C LEU A 158 24.98 -23.74 -30.23
N TRP A 159 24.92 -24.78 -29.38
CA TRP A 159 24.35 -24.67 -28.05
C TRP A 159 25.34 -25.25 -27.03
N LEU A 160 25.84 -24.47 -26.10
CA LEU A 160 26.68 -24.88 -24.97
C LEU A 160 26.07 -24.44 -23.63
N ASP A 161 24.65 -24.46 -23.53
CA ASP A 161 23.96 -24.02 -22.33
C ASP A 161 24.01 -25.10 -21.25
N ASP A 162 23.87 -24.71 -20.01
CA ASP A 162 23.87 -25.58 -18.84
C ASP A 162 25.08 -26.53 -18.88
N ASN A 163 26.20 -25.88 -18.81
CA ASN A 163 27.46 -26.58 -18.94
C ASN A 163 28.40 -26.07 -17.85
N SER A 164 29.65 -26.36 -17.95
CA SER A 164 30.67 -25.95 -16.99
C SER A 164 31.94 -25.51 -17.69
N LEU A 165 31.76 -24.76 -18.80
CA LEU A 165 32.92 -24.24 -19.53
C LEU A 165 33.50 -23.05 -18.77
N THR A 166 34.83 -23.00 -18.57
CA THR A 166 35.50 -21.94 -17.83
C THR A 166 35.96 -20.79 -18.72
N GLU A 167 36.09 -20.93 -19.98
CA GLU A 167 36.51 -19.88 -20.88
C GLU A 167 35.84 -20.10 -22.23
N VAL A 168 35.82 -19.02 -22.94
CA VAL A 168 35.23 -19.12 -24.27
C VAL A 168 36.19 -19.86 -25.20
N PRO A 169 35.75 -20.78 -25.94
CA PRO A 169 36.65 -21.49 -26.86
C PRO A 169 36.94 -20.68 -28.12
N VAL A 170 37.97 -19.66 -28.01
CA VAL A 170 38.23 -18.76 -29.12
C VAL A 170 38.76 -19.53 -30.32
N HIS A 171 39.88 -20.29 -30.11
CA HIS A 171 40.47 -21.04 -31.22
C HIS A 171 39.51 -22.04 -31.85
N PRO A 172 38.89 -22.86 -31.20
CA PRO A 172 37.89 -23.72 -31.87
C PRO A 172 36.78 -22.95 -32.55
N LEU A 173 36.39 -21.86 -32.05
CA LEU A 173 35.37 -21.04 -32.69
C LEU A 173 35.88 -20.35 -33.94
N SER A 174 37.12 -20.36 -34.14
CA SER A 174 37.67 -19.78 -35.36
C SER A 174 37.37 -20.61 -36.60
N ASN A 175 37.01 -21.86 -36.45
CA ASN A 175 36.66 -22.73 -37.55
C ASN A 175 35.17 -22.71 -37.88
N LEU A 176 34.45 -21.59 -37.53
CA LEU A 176 33.01 -21.45 -37.79
C LEU A 176 32.76 -20.12 -38.49
N PRO A 177 33.13 -20.13 -39.79
CA PRO A 177 32.98 -18.85 -40.51
C PRO A 177 31.55 -18.49 -40.84
N THR A 178 30.61 -19.42 -40.80
CA THR A 178 29.23 -19.17 -41.18
C THR A 178 28.25 -19.52 -40.07
N LEU A 179 28.67 -19.51 -38.80
CA LEU A 179 27.77 -19.78 -37.69
C LEU A 179 26.76 -18.66 -37.55
N GLN A 180 25.50 -19.04 -37.40
CA GLN A 180 24.42 -18.08 -37.42
C GLN A 180 23.90 -17.71 -36.04
N ALA A 181 23.87 -18.59 -35.14
CA ALA A 181 23.36 -18.34 -33.80
C ALA A 181 24.17 -19.15 -32.80
N LEU A 182 24.71 -18.45 -31.81
CA LEU A 182 25.54 -19.09 -30.79
C LEU A 182 25.06 -18.66 -29.41
N THR A 183 24.86 -19.71 -28.47
CA THR A 183 24.47 -19.44 -27.08
C THR A 183 25.56 -19.98 -26.17
N LEU A 184 26.03 -19.20 -25.27
CA LEU A 184 27.08 -19.56 -24.32
C LEU A 184 26.67 -19.28 -22.88
N ALA A 185 25.40 -19.43 -22.53
CA ALA A 185 24.90 -19.07 -21.22
C ALA A 185 24.97 -20.25 -20.25
N LEU A 186 24.73 -20.02 -18.99
CA LEU A 186 24.77 -21.00 -17.91
C LEU A 186 26.12 -21.73 -17.88
N ASN A 187 27.19 -20.93 -17.62
CA ASN A 187 28.53 -21.48 -17.62
C ASN A 187 29.39 -20.87 -16.53
N LYS A 188 30.71 -21.04 -16.58
CA LYS A 188 31.66 -20.59 -15.58
C LYS A 188 32.75 -19.73 -16.19
N ILE A 189 32.40 -18.85 -17.13
CA ILE A 189 33.36 -17.97 -17.80
C ILE A 189 33.40 -16.63 -17.06
N SER A 190 34.54 -16.02 -16.87
CA SER A 190 34.75 -14.80 -16.09
C SER A 190 35.06 -13.58 -16.93
N SER A 191 35.52 -13.74 -18.10
CA SER A 191 35.85 -12.60 -18.94
C SER A 191 36.05 -13.07 -20.37
N ILE A 192 35.79 -12.11 -21.33
CA ILE A 192 35.97 -12.34 -22.76
C ILE A 192 37.14 -11.48 -23.22
N PRO A 193 38.29 -11.97 -23.72
CA PRO A 193 39.44 -11.19 -24.17
C PRO A 193 39.15 -10.50 -25.50
N ASP A 194 40.20 -9.61 -25.92
CA ASP A 194 40.04 -8.87 -27.17
C ASP A 194 40.18 -9.81 -28.37
N PHE A 195 39.74 -9.47 -29.49
CA PHE A 195 39.71 -10.25 -30.72
C PHE A 195 39.25 -11.68 -30.46
N ALA A 196 38.34 -11.91 -29.66
CA ALA A 196 37.81 -13.22 -29.32
C ALA A 196 36.62 -13.63 -30.18
N PHE A 197 36.11 -12.82 -31.14
CA PHE A 197 34.90 -13.09 -31.92
C PHE A 197 35.04 -12.60 -33.35
N THR A 198 36.14 -12.69 -34.00
CA THR A 198 36.35 -12.13 -35.33
C THR A 198 35.80 -13.04 -36.43
N ASN A 199 35.94 -14.33 -36.37
CA ASN A 199 35.59 -15.24 -37.46
C ASN A 199 34.09 -15.44 -37.59
N LEU A 200 33.30 -15.05 -36.61
CA LEU A 200 31.84 -15.23 -36.67
C LEU A 200 31.22 -14.04 -37.40
N SER A 201 31.37 -14.03 -38.73
CA SER A 201 30.88 -12.96 -39.57
C SER A 201 29.38 -13.06 -39.86
N SER A 202 28.84 -14.18 -39.56
CA SER A 202 27.42 -14.37 -39.80
C SER A 202 26.63 -14.50 -38.51
N LEU A 203 27.24 -14.05 -37.37
CA LEU A 203 26.56 -14.16 -36.08
C LEU A 203 25.40 -13.20 -36.03
N VAL A 204 24.28 -13.70 -35.59
CA VAL A 204 23.08 -12.88 -35.44
C VAL A 204 22.52 -12.92 -34.02
N VAL A 205 22.68 -13.90 -33.30
CA VAL A 205 22.14 -14.04 -31.95
C VAL A 205 23.27 -14.41 -31.00
N LEU A 206 23.42 -13.64 -29.90
CA LEU A 206 24.44 -13.91 -28.89
C LEU A 206 23.77 -13.81 -27.52
N HIS A 207 23.78 -14.98 -26.76
CA HIS A 207 23.13 -15.06 -25.46
C HIS A 207 24.18 -15.37 -24.39
N LEU A 208 24.32 -14.60 -23.34
CA LEU A 208 25.26 -14.76 -22.23
C LEU A 208 24.58 -14.51 -20.89
N HIS A 209 23.40 -15.09 -20.70
CA HIS A 209 22.67 -14.84 -19.46
C HIS A 209 23.07 -15.83 -18.38
N ASN A 210 22.89 -15.48 -17.07
CA ASN A 210 23.24 -16.30 -15.90
C ASN A 210 24.72 -16.69 -15.93
N ASN A 211 25.52 -15.72 -16.23
CA ASN A 211 26.94 -15.95 -16.37
C ASN A 211 27.71 -15.20 -15.27
N LYS A 212 29.06 -15.20 -15.27
CA LYS A 212 29.90 -14.67 -14.21
C LYS A 212 30.94 -13.70 -14.76
N ILE A 213 30.87 -13.53 -16.08
CA ILE A 213 31.88 -12.66 -16.68
C ILE A 213 31.83 -11.28 -16.04
N ARG A 214 32.88 -10.74 -15.70
CA ARG A 214 32.99 -9.50 -14.95
C ARG A 214 33.56 -8.35 -15.75
N SER A 215 34.48 -8.60 -16.59
CA SER A 215 35.15 -7.53 -17.32
C SER A 215 35.33 -7.94 -18.77
N LEU A 216 35.43 -6.87 -19.61
CA LEU A 216 35.63 -7.10 -21.04
C LEU A 216 36.53 -6.00 -21.57
N SER A 217 37.25 -6.20 -22.58
CA SER A 217 38.26 -5.33 -23.15
C SER A 217 37.63 -4.34 -24.13
N GLN A 218 38.56 -3.41 -24.63
CA GLN A 218 38.08 -2.40 -25.57
C GLN A 218 37.67 -3.01 -26.90
N HIS A 219 38.55 -3.90 -27.42
CA HIS A 219 38.35 -4.47 -28.74
C HIS A 219 37.88 -5.91 -28.71
N CYS A 220 37.21 -6.32 -27.68
CA CYS A 220 36.78 -7.71 -27.57
C CYS A 220 35.66 -8.03 -28.56
N PHE A 221 34.73 -7.17 -28.83
CA PHE A 221 33.52 -7.44 -29.59
C PHE A 221 33.66 -7.07 -31.07
N ASP A 222 34.78 -6.80 -31.63
CA ASP A 222 34.97 -6.44 -33.03
C ASP A 222 34.76 -7.65 -33.93
N GLY A 223 34.31 -7.44 -35.18
CA GLY A 223 34.10 -8.46 -36.17
C GLY A 223 32.67 -8.92 -36.33
N LEU A 224 31.72 -8.48 -35.37
CA LEU A 224 30.33 -8.92 -35.40
C LEU A 224 29.44 -7.84 -36.02
N ASP A 225 29.67 -7.58 -37.25
CA ASP A 225 28.91 -6.55 -37.95
C ASP A 225 27.46 -6.96 -38.20
N ASN A 226 27.24 -8.30 -38.18
CA ASN A 226 25.88 -8.79 -38.43
C ASN A 226 25.11 -9.03 -37.14
N LEU A 227 25.80 -8.70 -35.97
CA LEU A 227 25.12 -8.93 -34.70
C LEU A 227 23.90 -8.02 -34.59
N GLU A 228 22.81 -8.64 -34.20
CA GLU A 228 21.57 -7.89 -34.05
C GLU A 228 21.03 -7.89 -32.63
N THR A 229 21.08 -8.93 -31.91
CA THR A 229 20.60 -9.04 -30.53
C THR A 229 21.74 -9.50 -29.63
N LEU A 230 21.99 -8.72 -28.64
CA LEU A 230 23.03 -9.02 -27.68
C LEU A 230 22.41 -9.20 -26.31
N ASP A 231 22.92 -10.32 -25.58
CA ASP A 231 22.37 -10.64 -24.27
C ASP A 231 23.50 -10.64 -23.25
N LEU A 232 23.42 -9.93 -22.13
CA LEU A 232 24.41 -9.87 -21.06
C LEU A 232 23.79 -9.74 -19.68
N ASN A 233 22.55 -9.96 -19.49
CA ASN A 233 21.87 -9.78 -18.20
C ASN A 233 22.22 -10.90 -17.23
N TYR A 234 21.85 -10.74 -15.99
CA TYR A 234 22.14 -11.69 -14.91
C TYR A 234 23.64 -11.92 -14.78
N ASN A 235 24.47 -10.73 -14.86
CA ASN A 235 25.92 -10.80 -14.80
C ASN A 235 26.46 -9.87 -13.73
N ASN A 236 27.76 -9.54 -13.76
CA ASN A 236 28.35 -8.70 -12.73
C ASN A 236 29.42 -7.76 -13.28
N LEU A 237 29.13 -7.10 -14.44
CA LEU A 237 30.06 -6.10 -14.97
C LEU A 237 29.89 -4.81 -14.19
N GLY A 238 30.84 -4.32 -13.62
CA GLY A 238 30.80 -3.14 -12.78
C GLY A 238 30.91 -1.82 -13.50
N GLU A 239 31.23 -1.84 -14.74
CA GLU A 239 31.36 -0.63 -15.53
C GLU A 239 30.64 -0.81 -16.86
N PHE A 240 30.29 0.26 -17.42
CA PHE A 240 29.53 0.22 -18.66
C PHE A 240 30.37 -0.42 -19.76
N PRO A 241 29.81 -1.38 -20.46
CA PRO A 241 30.57 -1.98 -21.56
C PRO A 241 30.71 -1.04 -22.73
N GLN A 242 31.69 -0.09 -22.60
CA GLN A 242 31.89 0.91 -23.65
C GLN A 242 32.27 0.28 -24.98
N ALA A 243 32.72 -0.89 -25.00
CA ALA A 243 33.19 -1.57 -26.20
C ALA A 243 32.07 -1.83 -27.21
N ILE A 244 30.84 -1.52 -26.96
CA ILE A 244 29.71 -1.70 -27.88
C ILE A 244 29.72 -0.69 -29.01
N LYS A 245 30.68 0.14 -29.17
CA LYS A 245 30.73 1.15 -30.22
C LYS A 245 30.87 0.53 -31.60
N ALA A 246 31.20 -0.74 -31.69
CA ALA A 246 31.42 -1.42 -32.97
C ALA A 246 30.32 -2.43 -33.29
N LEU A 247 28.99 -2.15 -32.89
CA LEU A 247 27.85 -3.04 -33.12
C LEU A 247 26.74 -2.26 -33.82
N PRO A 248 27.04 -1.92 -35.03
CA PRO A 248 26.07 -1.02 -35.69
C PRO A 248 24.68 -1.61 -35.86
N SER A 249 24.59 -2.86 -35.98
CA SER A 249 23.31 -3.48 -36.30
C SER A 249 22.55 -3.95 -35.06
N LEU A 250 22.97 -3.52 -33.86
CA LEU A 250 22.32 -3.96 -32.64
C LEU A 250 20.90 -3.39 -32.53
N LYS A 251 19.88 -4.20 -32.37
CA LYS A 251 18.47 -3.75 -32.36
C LYS A 251 17.87 -4.07 -31.00
N GLU A 252 18.34 -5.09 -30.34
CA GLU A 252 17.91 -5.37 -28.95
C GLU A 252 19.14 -5.41 -28.07
N LEU A 253 19.10 -4.73 -26.96
CA LEU A 253 20.19 -4.57 -26.00
C LEU A 253 19.61 -4.75 -24.60
N GLY A 254 19.90 -6.06 -24.00
CA GLY A 254 19.45 -6.33 -22.64
C GLY A 254 20.60 -6.57 -21.68
N PHE A 255 20.82 -5.76 -20.71
CA PHE A 255 21.86 -5.89 -19.69
C PHE A 255 21.32 -5.60 -18.30
N HIS A 256 20.11 -5.86 -18.02
CA HIS A 256 19.49 -5.60 -16.74
C HIS A 256 19.98 -6.59 -15.69
N SER A 257 19.77 -6.26 -14.34
CA SER A 257 20.23 -7.04 -13.20
C SER A 257 21.75 -7.18 -13.20
N ASN A 258 22.51 -5.95 -13.36
CA ASN A 258 23.96 -5.90 -13.43
C ASN A 258 24.51 -5.05 -12.29
N SER A 259 25.77 -4.69 -12.31
CA SER A 259 26.22 -3.75 -11.26
C SER A 259 26.85 -2.56 -11.95
N ILE A 260 26.04 -1.65 -12.51
CA ILE A 260 26.52 -0.47 -13.25
C ILE A 260 25.99 0.72 -12.47
N SER A 261 26.72 1.82 -12.44
CA SER A 261 26.26 3.01 -11.71
C SER A 261 26.37 4.29 -12.55
N VAL A 262 26.99 4.25 -13.70
CA VAL A 262 26.94 5.50 -14.49
C VAL A 262 26.80 5.19 -15.97
N ILE A 263 25.70 5.55 -16.65
CA ILE A 263 25.58 5.44 -18.13
C ILE A 263 26.32 6.68 -18.62
N PRO A 264 27.53 6.54 -19.17
CA PRO A 264 28.33 7.69 -19.55
C PRO A 264 27.70 8.66 -20.54
N ASP A 265 28.34 9.78 -20.88
CA ASP A 265 27.71 10.62 -21.90
C ASP A 265 28.05 10.10 -23.29
N GLY A 266 27.10 10.11 -24.18
CA GLY A 266 27.30 9.60 -25.52
C GLY A 266 27.65 8.13 -25.58
N ALA A 267 26.92 7.21 -24.94
CA ALA A 267 27.22 5.78 -24.89
C ALA A 267 26.52 4.99 -25.99
N PHE A 268 25.68 5.52 -26.88
CA PHE A 268 24.93 4.82 -27.92
C PHE A 268 25.13 5.48 -29.27
N ASP A 269 26.28 6.00 -29.56
CA ASP A 269 26.56 6.62 -30.85
C ASP A 269 26.66 5.56 -31.96
N GLY A 270 27.23 4.46 -31.59
CA GLY A 270 27.41 3.39 -32.56
C GLY A 270 26.24 2.46 -32.72
N ASN A 271 25.14 2.78 -32.01
CA ASN A 271 23.95 1.94 -32.07
C ASN A 271 22.76 2.79 -32.50
N PRO A 272 22.65 3.15 -33.83
CA PRO A 272 21.50 3.94 -34.29
C PRO A 272 20.27 3.11 -34.61
N LEU A 273 20.49 1.76 -34.97
CA LEU A 273 19.35 0.90 -35.29
C LEU A 273 18.78 0.20 -34.07
N LEU A 274 19.44 0.57 -32.86
CA LEU A 274 18.93 -0.07 -31.65
C LEU A 274 17.52 0.41 -31.35
N ARG A 275 16.67 -0.46 -30.77
CA ARG A 275 15.22 -0.20 -30.54
C ARG A 275 14.59 -0.80 -29.30
N THR A 276 15.35 -1.31 -28.35
CA THR A 276 14.79 -1.81 -27.07
C THR A 276 15.87 -1.98 -26.03
N ILE A 277 15.95 -1.10 -25.06
CA ILE A 277 16.99 -1.23 -24.04
C ILE A 277 16.36 -1.83 -22.80
N HIS A 278 17.11 -2.87 -22.14
CA HIS A 278 16.72 -3.44 -20.85
C HIS A 278 17.80 -3.11 -19.83
N LEU A 279 17.53 -2.30 -18.78
CA LEU A 279 18.48 -1.90 -17.76
C LEU A 279 17.86 -1.82 -16.36
N TYR A 280 16.77 -2.43 -16.09
CA TYR A 280 16.08 -2.28 -14.82
C TYR A 280 16.78 -3.10 -13.73
N ASP A 281 16.60 -2.68 -12.45
CA ASP A 281 17.19 -3.31 -11.27
C ASP A 281 18.72 -3.25 -11.35
N ASN A 282 19.28 -1.98 -11.29
CA ASN A 282 20.70 -1.65 -11.28
C ASN A 282 20.96 -0.49 -10.32
N PRO A 283 22.12 -0.31 -9.75
CA PRO A 283 22.47 0.84 -8.90
C PRO A 283 22.88 2.07 -9.68
N LEU A 284 21.95 2.41 -10.73
CA LEU A 284 22.21 3.59 -11.55
C LEU A 284 22.09 4.83 -10.68
N SER A 285 23.14 5.40 -10.50
CA SER A 285 23.16 6.60 -9.67
C SER A 285 23.14 7.88 -10.49
N PHE A 286 23.88 7.93 -11.53
CA PHE A 286 23.99 9.12 -12.36
C PHE A 286 23.81 8.75 -13.82
N VAL A 287 23.13 9.61 -14.50
CA VAL A 287 22.87 9.43 -15.93
C VAL A 287 23.27 10.71 -16.65
N GLY A 288 23.97 10.70 -17.72
CA GLY A 288 24.40 11.86 -18.47
C GLY A 288 23.23 12.59 -19.12
N ASN A 289 23.33 14.01 -19.39
CA ASN A 289 22.26 14.83 -19.95
C ASN A 289 22.01 14.52 -21.42
N SER A 290 23.05 14.27 -22.23
CA SER A 290 22.95 14.01 -23.65
C SER A 290 23.15 12.55 -24.00
N ALA A 291 23.08 11.61 -23.12
CA ALA A 291 23.32 10.20 -23.39
C ALA A 291 22.14 9.55 -24.11
N PHE A 292 20.98 10.07 -24.11
CA PHE A 292 19.76 9.49 -24.67
C PHE A 292 19.24 10.30 -25.86
N HIS A 293 20.27 10.63 -26.75
CA HIS A 293 19.91 11.42 -27.91
C HIS A 293 20.24 10.65 -29.19
N ASN A 294 19.63 11.00 -30.24
CA ASN A 294 19.79 10.36 -31.56
C ASN A 294 19.39 8.89 -31.54
N LEU A 295 18.29 8.58 -30.78
CA LEU A 295 17.72 7.23 -30.77
C LEU A 295 16.35 7.31 -31.43
N SER A 296 16.38 7.12 -32.70
CA SER A 296 15.15 7.30 -33.45
C SER A 296 14.19 6.12 -33.29
N ASP A 297 14.67 4.90 -33.01
CA ASP A 297 13.85 3.70 -32.93
C ASP A 297 13.52 3.28 -31.51
N LEU A 298 13.86 4.06 -30.57
CA LEU A 298 13.55 3.72 -29.19
C LEU A 298 12.06 3.74 -28.95
N HIS A 299 11.60 2.80 -28.21
CA HIS A 299 10.18 2.67 -27.94
C HIS A 299 9.83 2.69 -26.46
N SER A 300 10.73 2.77 -25.62
CA SER A 300 10.46 2.81 -24.19
C SER A 300 11.66 3.39 -23.47
N LEU A 301 11.37 3.93 -22.24
CA LEU A 301 12.44 4.52 -21.43
C LEU A 301 11.99 4.51 -19.98
N VAL A 302 12.70 3.72 -19.10
CA VAL A 302 12.37 3.60 -17.68
C VAL A 302 13.64 3.84 -16.88
N ILE A 303 13.64 4.88 -15.88
CA ILE A 303 14.78 5.20 -15.01
C ILE A 303 14.27 5.41 -13.59
N ARG A 304 14.62 4.49 -12.65
CA ARG A 304 14.21 4.55 -11.24
C ARG A 304 15.45 4.51 -10.38
N GLY A 305 15.77 5.54 -9.49
CA GLY A 305 16.84 5.58 -8.53
C GLY A 305 18.02 6.48 -8.87
N ALA A 306 17.96 7.30 -9.99
CA ALA A 306 19.05 8.21 -10.35
C ALA A 306 18.93 9.50 -9.54
N SER A 307 19.35 9.46 -8.38
CA SER A 307 19.23 10.57 -7.45
C SER A 307 20.20 11.70 -7.73
N MET A 308 21.21 11.39 -8.45
CA MET A 308 22.19 12.43 -8.73
C MET A 308 21.83 13.28 -9.95
N VAL A 309 20.71 12.85 -10.65
CA VAL A 309 20.32 13.60 -11.83
C VAL A 309 19.57 14.85 -11.38
N GLN A 310 19.99 15.95 -11.84
CA GLN A 310 19.42 17.24 -11.44
C GLN A 310 18.54 17.88 -12.48
N GLN A 311 18.80 17.64 -13.75
CA GLN A 311 18.04 18.28 -14.82
C GLN A 311 17.49 17.24 -15.77
N PHE A 312 16.43 17.63 -16.54
CA PHE A 312 15.71 16.73 -17.47
C PHE A 312 16.56 16.44 -18.68
N PRO A 313 16.72 15.18 -19.07
CA PRO A 313 17.65 14.74 -20.12
C PRO A 313 17.27 15.33 -21.47
N ASN A 314 18.33 15.47 -22.37
CA ASN A 314 18.14 15.99 -23.72
C ASN A 314 17.51 14.90 -24.59
N LEU A 315 16.31 15.17 -25.13
CA LEU A 315 15.55 14.18 -25.90
C LEU A 315 15.49 14.52 -27.38
N THR A 316 16.49 15.29 -27.91
CA THR A 316 16.51 15.63 -29.33
C THR A 316 16.80 14.40 -30.17
N GLY A 317 16.08 14.20 -31.22
CA GLY A 317 16.23 13.07 -32.12
C GLY A 317 15.38 11.86 -31.77
N THR A 318 14.80 11.80 -30.56
CA THR A 318 13.93 10.69 -30.15
C THR A 318 12.48 11.17 -30.15
N VAL A 319 11.76 10.80 -31.25
CA VAL A 319 10.38 11.27 -31.45
C VAL A 319 9.38 10.13 -31.55
N HIS A 320 9.77 8.79 -31.33
CA HIS A 320 8.88 7.65 -31.41
C HIS A 320 8.78 6.91 -30.09
N LEU A 321 8.95 7.61 -29.05
CA LEU A 321 8.93 6.99 -27.72
C LEU A 321 7.52 7.01 -27.14
N GLU A 322 7.24 5.97 -26.41
CA GLU A 322 5.89 5.79 -25.89
C GLU A 322 5.77 5.89 -24.38
N SER A 323 6.84 5.96 -23.65
CA SER A 323 6.76 5.98 -22.20
C SER A 323 8.01 6.62 -21.60
N LEU A 324 7.78 7.47 -20.52
CA LEU A 324 8.87 8.06 -19.73
C LEU A 324 8.58 7.78 -18.26
N THR A 325 9.22 6.72 -17.62
CA THR A 325 9.10 6.39 -16.20
C THR A 325 10.35 6.86 -15.46
N LEU A 326 10.47 8.14 -15.11
CA LEU A 326 11.57 8.75 -14.39
C LEU A 326 11.15 9.01 -12.95
N THR A 327 11.59 8.00 -12.06
CA THR A 327 11.25 8.05 -10.64
C THR A 327 12.52 8.01 -9.79
N GLY A 328 12.48 8.55 -8.58
CA GLY A 328 13.61 8.58 -7.68
C GLY A 328 14.69 9.57 -8.05
N THR A 329 14.31 10.70 -8.88
CA THR A 329 15.26 11.67 -9.40
C THR A 329 14.98 13.03 -8.73
N LYS A 330 15.94 14.06 -8.81
CA LYS A 330 15.86 15.33 -8.10
C LYS A 330 15.59 16.51 -9.04
N ILE A 331 15.24 16.20 -10.30
CA ILE A 331 14.94 17.27 -11.25
C ILE A 331 13.80 18.14 -10.72
N SER A 332 13.78 19.34 -11.09
CA SER A 332 12.85 20.33 -10.56
C SER A 332 11.90 20.93 -11.59
N SER A 333 12.15 20.81 -12.89
CA SER A 333 11.25 21.52 -13.84
C SER A 333 11.02 20.81 -15.17
N ILE A 334 9.77 20.44 -15.49
CA ILE A 334 9.48 19.68 -16.73
C ILE A 334 9.80 20.59 -17.90
N PRO A 335 10.50 20.18 -18.96
CA PRO A 335 10.81 21.06 -20.04
C PRO A 335 9.50 21.54 -20.64
N ASN A 336 9.43 22.75 -21.20
CA ASN A 336 8.15 23.33 -21.71
C ASN A 336 7.88 22.99 -23.16
N ASN A 337 8.26 21.81 -23.60
CA ASN A 337 7.91 21.42 -24.96
C ASN A 337 8.07 19.92 -25.18
N LEU A 338 7.87 19.08 -24.16
CA LEU A 338 7.97 17.64 -24.46
C LEU A 338 6.81 17.34 -25.36
N CYS A 339 5.69 18.00 -25.14
CA CYS A 339 4.51 17.55 -25.89
C CYS A 339 4.35 18.17 -27.25
N GLN A 340 5.29 19.00 -27.63
CA GLN A 340 5.29 19.51 -29.00
C GLN A 340 6.33 18.66 -29.70
N GLU A 341 7.16 17.91 -28.96
CA GLU A 341 8.03 17.00 -29.78
C GLU A 341 7.66 15.49 -29.71
N GLN A 342 7.31 14.91 -28.56
CA GLN A 342 6.99 13.47 -28.37
C GLN A 342 5.51 13.33 -28.69
N LYS A 343 5.16 13.18 -29.96
CA LYS A 343 3.78 13.12 -30.42
C LYS A 343 3.13 11.76 -30.21
N MET A 344 3.83 10.63 -29.85
CA MET A 344 3.32 9.28 -29.64
C MET A 344 3.32 8.87 -28.18
N LEU A 345 3.34 9.86 -27.30
CA LEU A 345 3.41 9.54 -25.88
C LEU A 345 2.09 8.95 -25.39
N ARG A 346 2.19 7.96 -24.61
CA ARG A 346 1.00 7.33 -24.03
C ARG A 346 1.03 7.30 -22.51
N THR A 347 2.17 7.11 -21.89
CA THR A 347 2.30 6.98 -20.44
C THR A 347 3.35 7.97 -19.94
N LEU A 348 2.96 8.72 -18.86
CA LEU A 348 3.87 9.69 -18.23
C LEU A 348 3.88 9.43 -16.73
N ASP A 349 4.98 8.97 -16.14
CA ASP A 349 5.13 8.67 -14.72
C ASP A 349 6.32 9.46 -14.20
N LEU A 350 6.12 10.53 -13.41
CA LEU A 350 7.15 11.39 -12.81
C LEU A 350 6.96 11.52 -11.30
N SER A 351 6.76 10.39 -10.64
CA SER A 351 6.59 10.40 -9.20
C SER A 351 7.96 10.37 -8.50
N TYR A 352 7.98 10.62 -7.20
CA TYR A 352 9.19 10.61 -6.36
C TYR A 352 10.22 11.61 -6.86
N ASN A 353 9.73 12.87 -7.32
CA ASN A 353 10.61 13.90 -7.85
C ASN A 353 10.39 15.19 -7.05
N ASN A 354 11.03 16.34 -7.51
CA ASN A 354 10.95 17.65 -6.87
C ASN A 354 10.44 18.72 -7.83
N ILE A 355 9.44 18.29 -8.59
CA ILE A 355 8.87 19.23 -9.54
C ILE A 355 7.96 20.20 -8.81
N ARG A 356 8.13 21.41 -9.04
CA ARG A 356 7.36 22.47 -8.39
C ARG A 356 6.35 23.14 -9.30
N ASP A 357 6.69 23.36 -10.54
CA ASP A 357 5.83 24.07 -11.48
C ASP A 357 5.52 23.13 -12.64
N LEU A 358 4.19 23.13 -13.04
CA LEU A 358 3.75 22.27 -14.14
C LEU A 358 3.58 23.08 -15.42
N PRO A 359 3.98 22.68 -16.63
CA PRO A 359 3.80 23.39 -17.89
C PRO A 359 2.45 23.06 -18.50
N SER A 360 2.16 23.81 -19.69
CA SER A 360 0.92 23.54 -20.42
C SER A 360 1.01 22.18 -21.10
N PHE A 361 -0.10 21.42 -20.95
CA PHE A 361 -0.14 20.08 -21.52
C PHE A 361 -0.91 20.02 -22.83
N ASN A 362 -0.99 21.08 -23.63
CA ASN A 362 -1.65 21.06 -24.92
C ASN A 362 -0.78 20.34 -25.96
N GLY A 363 -1.31 19.64 -27.03
CA GLY A 363 -0.63 18.83 -28.01
C GLY A 363 -0.34 17.41 -27.57
N CYS A 364 -0.68 16.95 -26.29
CA CYS A 364 -0.46 15.60 -25.76
C CYS A 364 -1.71 14.75 -26.01
N HIS A 365 -2.11 14.51 -27.25
CA HIS A 365 -3.38 13.91 -27.62
C HIS A 365 -3.47 12.42 -27.28
N ALA A 366 -2.40 11.71 -27.36
CA ALA A 366 -2.41 10.27 -27.15
C ALA A 366 -1.99 9.86 -25.75
N LEU A 367 -1.80 10.91 -24.90
CA LEU A 367 -1.33 10.59 -23.56
C LEU A 367 -2.51 10.34 -22.63
N GLU A 368 -2.37 9.29 -21.96
CA GLU A 368 -3.50 8.85 -21.14
C GLU A 368 -3.12 8.41 -19.73
N GLU A 369 -1.85 8.59 -19.26
CA GLU A 369 -1.37 7.99 -18.01
C GLU A 369 -0.54 8.99 -17.19
N ILE A 370 -1.10 10.19 -16.94
CA ILE A 370 -0.40 11.17 -16.10
C ILE A 370 -0.45 10.70 -14.65
N SER A 371 0.79 10.57 -13.95
CA SER A 371 0.89 10.07 -12.57
C SER A 371 1.86 10.93 -11.76
N LEU A 372 1.71 12.23 -11.76
CA LEU A 372 2.57 13.12 -11.00
C LEU A 372 2.20 13.12 -9.53
N GLN A 373 2.88 12.30 -8.75
CA GLN A 373 2.62 12.19 -7.32
C GLN A 373 3.93 12.30 -6.54
N ARG A 374 3.85 12.53 -5.25
CA ARG A 374 5.00 12.68 -4.35
C ARG A 374 5.92 13.81 -4.82
N ASN A 375 5.29 15.04 -5.20
CA ASN A 375 6.01 16.18 -5.76
C ASN A 375 5.72 17.42 -4.91
N GLN A 376 6.11 18.58 -5.38
CA GLN A 376 5.97 19.85 -4.67
C GLN A 376 5.11 20.86 -5.44
N ILE A 377 4.16 20.31 -6.29
CA ILE A 377 3.28 21.22 -7.01
C ILE A 377 2.31 21.87 -6.04
N TYR A 378 2.06 23.07 -6.19
CA TYR A 378 1.26 23.85 -5.24
C TYR A 378 0.05 24.52 -5.86
N GLN A 379 -0.09 24.52 -7.12
CA GLN A 379 -1.22 25.19 -7.74
C GLN A 379 -1.49 24.58 -9.10
N ILE A 380 -2.74 24.63 -9.48
CA ILE A 380 -3.18 24.15 -10.78
C ILE A 380 -3.84 25.31 -11.51
N LYS A 381 -3.40 25.74 -12.69
CA LYS A 381 -3.95 26.83 -13.49
C LYS A 381 -4.99 26.31 -14.47
N GLU A 382 -5.69 27.35 -15.12
CA GLU A 382 -6.73 26.98 -16.07
C GLU A 382 -6.15 26.21 -17.26
N GLY A 383 -5.12 26.68 -17.78
CA GLY A 383 -4.51 26.09 -18.95
C GLY A 383 -3.58 24.93 -18.68
N THR A 384 -3.46 24.51 -17.47
CA THR A 384 -2.55 23.41 -17.15
C THR A 384 -2.99 22.11 -17.83
N PHE A 385 -4.17 21.76 -17.88
CA PHE A 385 -4.71 20.51 -18.40
C PHE A 385 -5.56 20.71 -19.63
N GLN A 386 -5.29 21.80 -20.45
CA GLN A 386 -6.09 22.06 -21.64
C GLN A 386 -5.56 21.25 -22.82
N GLY A 387 -6.35 20.67 -23.81
CA GLY A 387 -6.00 19.92 -24.99
C GLY A 387 -5.79 18.43 -24.79
N LEU A 388 -6.13 17.82 -23.52
CA LEU A 388 -5.94 16.40 -23.23
C LEU A 388 -7.25 15.65 -23.47
N ILE A 389 -7.56 15.21 -24.66
CA ILE A 389 -8.83 14.60 -25.07
C ILE A 389 -8.85 13.10 -24.83
N SER A 390 -7.73 12.47 -24.53
CA SER A 390 -7.65 11.04 -24.34
C SER A 390 -7.22 10.64 -22.94
N LEU A 391 -7.23 11.63 -22.03
CA LEU A 391 -6.80 11.31 -20.67
C LEU A 391 -7.80 10.38 -19.99
N ARG A 392 -7.25 9.42 -19.30
CA ARG A 392 -8.08 8.49 -18.54
C ARG A 392 -7.59 8.24 -17.12
N ILE A 393 -6.33 8.57 -16.71
CA ILE A 393 -5.76 8.30 -15.39
C ILE A 393 -5.11 9.59 -14.88
N LEU A 394 -5.36 9.94 -13.62
CA LEU A 394 -4.77 11.10 -12.98
C LEU A 394 -4.36 10.72 -11.56
N ASP A 395 -3.10 11.07 -11.12
CA ASP A 395 -2.53 10.70 -9.83
C ASP A 395 -1.82 11.89 -9.19
N LEU A 396 -2.57 13.03 -9.03
CA LEU A 396 -2.01 14.24 -8.44
C LEU A 396 -2.16 14.22 -6.92
N SER A 397 -1.59 13.25 -6.21
CA SER A 397 -1.70 13.11 -4.76
C SER A 397 -0.34 13.33 -4.10
N ARG A 398 -0.34 13.49 -2.76
CA ARG A 398 0.86 13.65 -1.95
C ARG A 398 1.62 14.93 -2.31
N ASN A 399 0.90 16.03 -2.71
CA ASN A 399 1.49 17.30 -3.11
C ASN A 399 1.07 18.39 -2.13
N LEU A 400 1.41 19.64 -2.50
CA LEU A 400 1.08 20.79 -1.68
C LEU A 400 0.19 21.78 -2.44
N ILE A 401 -0.79 21.15 -3.32
CA ILE A 401 -1.68 22.00 -4.10
C ILE A 401 -2.70 22.63 -3.15
N HIS A 402 -2.73 23.87 -3.02
CA HIS A 402 -3.66 24.55 -2.13
C HIS A 402 -4.82 25.19 -2.88
N GLU A 403 -4.74 25.44 -4.17
CA GLU A 403 -5.79 26.07 -4.96
C GLU A 403 -5.86 25.42 -6.34
N ILE A 404 -7.11 25.18 -6.74
CA ILE A 404 -7.36 24.63 -8.07
C ILE A 404 -8.40 25.50 -8.76
N HIS A 405 -8.26 25.86 -10.04
CA HIS A 405 -9.19 26.68 -10.79
C HIS A 405 -10.48 25.91 -11.08
N SER A 406 -11.71 26.61 -11.14
CA SER A 406 -13.00 25.98 -11.38
C SER A 406 -13.07 25.35 -12.77
N ARG A 407 -12.49 26.02 -13.72
CA ARG A 407 -12.55 25.56 -15.10
C ARG A 407 -11.37 24.66 -15.47
N ALA A 408 -10.47 24.19 -14.58
CA ALA A 408 -9.32 23.35 -14.88
C ALA A 408 -9.74 22.03 -15.51
N PHE A 409 -10.71 21.38 -15.02
CA PHE A 409 -11.17 20.08 -15.47
C PHE A 409 -12.30 20.14 -16.48
N ALA A 410 -12.52 21.35 -17.02
CA ALA A 410 -13.65 21.51 -17.94
C ALA A 410 -13.30 21.16 -19.38
N THR A 411 -11.99 20.99 -19.64
CA THR A 411 -11.55 20.68 -21.00
C THR A 411 -11.33 19.18 -21.21
N LEU A 412 -11.07 18.44 -20.07
CA LEU A 412 -10.77 17.03 -20.19
C LEU A 412 -11.95 16.25 -20.78
N GLY A 413 -11.70 15.02 -21.20
CA GLY A 413 -12.69 14.19 -21.85
C GLY A 413 -13.18 13.07 -20.96
N PRO A 414 -12.91 11.81 -21.39
CA PRO A 414 -13.43 10.63 -20.66
C PRO A 414 -12.52 10.22 -19.50
N ILE A 415 -12.41 11.15 -18.44
CA ILE A 415 -11.61 10.83 -17.25
C ILE A 415 -12.36 9.82 -16.40
N THR A 416 -11.57 8.97 -15.83
CA THR A 416 -12.18 7.91 -15.04
C THR A 416 -11.68 7.87 -13.59
N ASN A 417 -10.44 7.98 -13.37
CA ASN A 417 -9.87 7.99 -12.02
C ASN A 417 -9.28 9.38 -11.76
N LEU A 418 -9.58 9.90 -10.58
CA LEU A 418 -8.99 11.15 -10.13
C LEU A 418 -8.57 10.99 -8.68
N ASP A 419 -7.28 11.00 -8.41
CA ASP A 419 -6.72 10.81 -7.06
C ASP A 419 -6.01 12.11 -6.67
N VAL A 420 -6.64 12.81 -5.69
CA VAL A 420 -6.10 14.06 -5.17
C VAL A 420 -6.02 14.03 -3.64
N SER A 421 -5.95 12.86 -3.12
CA SER A 421 -5.99 12.71 -1.68
C SER A 421 -4.68 13.14 -1.04
N PHE A 422 -4.74 13.51 0.25
CA PHE A 422 -3.59 13.88 1.07
C PHE A 422 -2.91 15.15 0.54
N ASN A 423 -3.77 16.26 0.26
CA ASN A 423 -3.28 17.56 -0.19
C ASN A 423 -3.74 18.66 0.75
N GLU A 424 -3.65 19.90 0.40
CA GLU A 424 -4.04 21.06 1.20
C GLU A 424 -5.18 21.84 0.56
N LEU A 425 -6.14 21.14 -0.10
CA LEU A 425 -7.23 21.80 -0.80
C LEU A 425 -8.25 22.38 0.17
N THR A 426 -8.93 23.50 -0.21
CA THR A 426 -10.02 24.10 0.54
C THR A 426 -11.33 24.14 -0.23
N SER A 427 -11.29 24.19 -1.54
CA SER A 427 -12.49 24.17 -2.38
C SER A 427 -12.21 23.32 -3.60
N PHE A 428 -13.15 22.41 -3.96
CA PHE A 428 -12.96 21.46 -5.06
C PHE A 428 -13.84 21.84 -6.24
N PRO A 429 -13.27 22.14 -7.47
CA PRO A 429 -14.10 22.43 -8.65
C PRO A 429 -14.87 21.20 -9.10
N THR A 430 -15.96 21.47 -9.74
CA THR A 430 -16.85 20.40 -10.13
C THR A 430 -17.22 20.38 -11.60
N GLU A 431 -16.87 21.28 -12.43
CA GLU A 431 -17.26 21.33 -13.84
C GLU A 431 -16.49 20.27 -14.64
N GLY A 432 -17.17 19.42 -15.57
CA GLY A 432 -16.55 18.46 -16.45
C GLY A 432 -16.13 17.15 -15.82
N LEU A 433 -16.68 16.71 -14.50
CA LEU A 433 -16.33 15.48 -13.80
C LEU A 433 -17.54 14.57 -13.62
N ASN A 434 -18.46 14.43 -14.55
CA ASN A 434 -19.66 13.60 -14.45
C ASN A 434 -19.36 12.13 -14.61
N GLY A 435 -18.18 11.75 -15.40
CA GLY A 435 -17.89 10.37 -15.70
C GLY A 435 -16.86 9.72 -14.79
N LEU A 436 -16.58 10.36 -13.62
CA LEU A 436 -15.57 9.84 -12.69
C LEU A 436 -16.07 8.53 -12.07
N ASN A 437 -15.45 7.41 -12.53
CA ASN A 437 -15.83 6.12 -11.97
C ASN A 437 -15.36 5.98 -10.54
N GLN A 438 -14.14 6.46 -10.28
CA GLN A 438 -13.56 6.34 -8.95
C GLN A 438 -12.94 7.68 -8.55
N LEU A 439 -13.21 8.13 -7.38
CA LEU A 439 -12.69 9.38 -6.85
C LEU A 439 -12.15 9.15 -5.46
N LYS A 440 -11.01 9.74 -5.24
CA LYS A 440 -10.38 9.64 -3.92
C LYS A 440 -10.08 11.04 -3.42
N LEU A 441 -10.48 11.41 -2.16
CA LEU A 441 -10.33 12.75 -1.59
C LEU A 441 -9.86 12.74 -0.13
N VAL A 442 -9.43 11.70 0.44
CA VAL A 442 -9.05 11.65 1.85
C VAL A 442 -7.77 12.44 2.09
N GLY A 443 -7.53 12.99 3.24
CA GLY A 443 -6.37 13.74 3.64
C GLY A 443 -6.52 15.24 3.54
N ASN A 444 -7.43 15.78 2.79
CA ASN A 444 -7.67 17.22 2.68
C ASN A 444 -8.50 17.66 3.88
N PHE A 445 -7.94 17.87 5.04
CA PHE A 445 -8.61 18.12 6.31
C PHE A 445 -9.29 19.48 6.34
N LYS A 446 -8.86 20.38 5.53
CA LYS A 446 -9.44 21.71 5.49
C LYS A 446 -10.54 21.84 4.44
N LEU A 447 -11.01 20.72 4.00
CA LEU A 447 -12.10 20.74 3.02
C LEU A 447 -13.42 20.60 3.78
N LYS A 448 -13.94 21.68 4.38
CA LYS A 448 -15.14 21.69 5.21
C LYS A 448 -16.41 21.60 4.40
N GLU A 449 -16.39 22.20 3.20
CA GLU A 449 -17.60 22.23 2.39
C GLU A 449 -17.97 20.83 1.92
N ALA A 450 -19.29 20.61 1.93
CA ALA A 450 -19.83 19.31 1.54
C ALA A 450 -20.20 19.33 0.06
N LEU A 451 -19.72 18.36 -0.68
CA LEU A 451 -20.00 18.28 -2.11
C LEU A 451 -21.39 17.70 -2.36
N ALA A 452 -22.01 18.13 -3.54
CA ALA A 452 -23.35 17.69 -3.91
C ALA A 452 -23.29 16.40 -4.74
N ALA A 453 -24.47 15.66 -4.79
CA ALA A 453 -24.59 14.40 -5.51
C ALA A 453 -25.14 14.56 -6.91
N LYS A 454 -25.41 15.75 -7.42
CA LYS A 454 -25.96 15.98 -8.75
C LYS A 454 -24.90 16.01 -9.84
N ASP A 455 -23.67 16.40 -9.59
CA ASP A 455 -22.61 16.53 -10.58
C ASP A 455 -21.74 15.28 -10.68
N PHE A 456 -22.11 14.13 -9.84
CA PHE A 456 -21.35 12.88 -9.82
C PHE A 456 -22.29 11.70 -10.00
N VAL A 457 -23.08 11.77 -11.06
CA VAL A 457 -24.12 10.76 -11.24
C VAL A 457 -23.50 9.41 -11.62
N ASN A 458 -22.31 9.50 -12.46
CA ASN A 458 -21.65 8.27 -12.90
C ASN A 458 -20.45 7.93 -12.02
N LEU A 459 -20.65 7.82 -10.72
CA LEU A 459 -19.60 7.53 -9.77
C LEU A 459 -19.79 6.13 -9.19
N ARG A 460 -18.63 5.48 -9.02
CA ARG A 460 -18.66 4.10 -8.53
C ARG A 460 -18.01 3.92 -7.17
N SER A 461 -16.91 4.63 -6.87
CA SER A 461 -16.19 4.50 -5.59
C SER A 461 -15.72 5.90 -5.18
N LEU A 462 -16.04 6.34 -3.85
CA LEU A 462 -15.69 7.66 -3.34
C LEU A 462 -15.06 7.53 -1.96
N SER A 463 -14.18 8.46 -1.58
CA SER A 463 -13.47 8.42 -0.28
C SER A 463 -13.22 9.85 0.16
N VAL A 464 -14.05 10.43 1.10
CA VAL A 464 -14.04 11.86 1.47
C VAL A 464 -13.37 12.05 2.82
N PRO A 465 -13.01 13.33 3.24
CA PRO A 465 -12.26 13.61 4.48
C PRO A 465 -12.99 13.45 5.81
N TYR A 466 -14.29 13.71 5.89
CA TYR A 466 -15.14 13.63 7.12
C TYR A 466 -16.36 12.78 6.80
N ALA A 467 -16.71 11.85 7.66
CA ALA A 467 -17.78 10.88 7.44
C ALA A 467 -19.10 11.51 7.16
N TYR A 468 -19.22 12.78 7.35
CA TYR A 468 -20.57 13.33 7.16
C TYR A 468 -20.78 13.97 5.81
N GLN A 469 -19.87 13.73 4.89
CA GLN A 469 -19.99 14.28 3.53
C GLN A 469 -20.50 13.13 2.69
N CYS A 470 -20.51 11.92 3.25
CA CYS A 470 -20.96 10.67 2.60
C CYS A 470 -22.45 10.55 2.80
N CYS A 471 -23.02 11.34 3.67
CA CYS A 471 -24.46 11.16 4.00
C CYS A 471 -25.26 11.61 2.78
N ALA A 472 -24.65 12.32 1.78
CA ALA A 472 -25.46 12.85 0.65
C ALA A 472 -25.55 11.95 -0.55
N PHE A 473 -24.83 10.82 -0.54
CA PHE A 473 -24.85 9.80 -1.61
C PHE A 473 -25.58 8.61 -1.01
N TRP A 474 -26.37 8.85 -0.01
CA TRP A 474 -27.07 7.78 0.76
C TRP A 474 -26.59 6.77 1.81
N GLY A 475 -25.56 7.13 2.59
CA GLY A 475 -24.55 6.31 3.29
C GLY A 475 -23.30 6.18 2.47
N SER A 516 -30.76 2.54 -6.21
CA SER A 516 -31.38 2.41 -7.56
C SER A 516 -30.95 1.10 -8.21
N GLN A 517 -29.81 1.12 -8.95
CA GLN A 517 -29.30 -0.13 -9.55
C GLN A 517 -27.93 -0.45 -8.95
N ILE A 518 -27.03 0.52 -8.85
CA ILE A 518 -25.65 0.18 -8.41
C ILE A 518 -25.34 0.85 -7.07
N ILE A 519 -24.28 0.39 -6.39
CA ILE A 519 -24.06 0.90 -5.01
C ILE A 519 -22.73 1.64 -4.87
N ILE A 520 -22.76 2.91 -4.47
CA ILE A 520 -21.52 3.66 -4.17
C ILE A 520 -20.89 2.95 -3.00
N HIS A 521 -19.65 3.20 -2.69
CA HIS A 521 -19.02 2.59 -1.51
C HIS A 521 -18.22 3.67 -0.78
N CYS A 522 -18.87 4.54 -0.01
CA CYS A 522 -18.16 5.61 0.68
C CYS A 522 -17.23 5.02 1.72
N THR A 523 -16.23 5.75 2.20
CA THR A 523 -15.24 5.10 3.08
C THR A 523 -15.37 5.58 4.50
N PRO A 524 -14.87 6.74 4.96
CA PRO A 524 -15.10 7.04 6.36
C PRO A 524 -16.57 6.61 6.43
N SER A 525 -16.94 5.59 7.23
CA SER A 525 -18.32 5.04 7.16
C SER A 525 -19.30 5.60 8.20
N THR A 526 -20.55 5.83 7.81
CA THR A 526 -21.57 6.46 8.70
C THR A 526 -22.12 5.42 9.66
N GLY A 527 -23.10 5.79 10.48
CA GLY A 527 -23.64 4.81 11.45
C GLY A 527 -24.57 5.45 12.45
N ALA A 528 -24.41 5.12 13.74
CA ALA A 528 -25.24 5.67 14.81
C ALA A 528 -24.35 6.42 15.76
N PHE A 529 -23.04 6.21 15.71
CA PHE A 529 -22.17 7.06 16.53
C PHE A 529 -21.66 8.18 15.63
N LYS A 530 -22.13 8.34 14.40
CA LYS A 530 -21.82 9.45 13.47
C LYS A 530 -23.12 9.67 12.74
N PRO A 531 -24.19 10.13 13.42
CA PRO A 531 -25.52 10.18 12.84
C PRO A 531 -25.84 11.00 11.60
N CYS A 532 -26.72 10.51 10.76
CA CYS A 532 -26.97 11.18 9.47
C CYS A 532 -28.34 11.81 9.26
N GLU A 533 -29.16 11.82 10.30
CA GLU A 533 -30.47 12.49 10.20
C GLU A 533 -30.89 12.94 11.60
N TYR A 534 -30.81 12.13 12.67
CA TYR A 534 -31.22 12.45 14.06
C TYR A 534 -30.11 12.21 15.09
N LEU A 535 -29.91 13.02 16.08
CA LEU A 535 -28.75 12.87 16.99
C LEU A 535 -29.06 11.82 18.01
N LEU A 536 -30.27 11.85 18.57
CA LEU A 536 -30.57 10.97 19.72
C LEU A 536 -30.98 9.59 19.22
N GLY A 537 -32.13 9.46 18.57
CA GLY A 537 -32.54 8.10 18.21
C GLY A 537 -34.01 8.13 17.96
N SER A 538 -34.74 7.21 18.42
CA SER A 538 -36.18 7.18 18.10
C SER A 538 -36.83 8.21 19.01
N TRP A 539 -38.10 8.28 19.06
CA TRP A 539 -38.86 9.14 20.01
C TRP A 539 -39.19 8.50 21.33
N MET A 540 -38.21 7.83 21.82
CA MET A 540 -38.34 7.27 23.16
C MET A 540 -37.05 7.72 23.80
N ILE A 541 -35.88 7.50 23.14
CA ILE A 541 -34.66 8.09 23.73
C ILE A 541 -34.88 9.58 23.71
N ARG A 542 -35.45 10.16 22.72
CA ARG A 542 -35.73 11.62 22.81
C ARG A 542 -36.59 12.00 24.03
N LEU A 543 -37.72 11.44 24.25
CA LEU A 543 -38.61 11.90 25.35
C LEU A 543 -37.96 11.59 26.68
N THR A 544 -37.16 10.57 26.81
CA THR A 544 -36.63 10.38 28.17
C THR A 544 -35.51 11.35 28.36
N VAL A 545 -34.69 11.63 27.47
CA VAL A 545 -33.67 12.67 27.80
C VAL A 545 -34.40 13.99 28.10
N TRP A 546 -35.51 14.37 27.51
CA TRP A 546 -36.22 15.63 27.87
C TRP A 546 -36.70 15.60 29.31
N PHE A 547 -37.20 14.58 29.96
CA PHE A 547 -37.55 14.60 31.41
C PHE A 547 -36.28 14.63 32.25
N ILE A 548 -35.30 13.87 31.93
CA ILE A 548 -34.12 13.92 32.81
C ILE A 548 -33.55 15.32 32.79
N PHE A 549 -33.77 16.08 31.77
CA PHE A 549 -33.29 17.46 31.83
C PHE A 549 -34.18 18.32 32.70
N LEU A 550 -35.52 18.27 32.48
CA LEU A 550 -36.44 19.11 33.24
C LEU A 550 -36.36 18.82 34.73
N VAL A 551 -36.37 17.61 35.16
CA VAL A 551 -36.35 17.26 36.58
C VAL A 551 -35.01 17.66 37.20
N ALA A 552 -33.93 17.34 36.58
CA ALA A 552 -32.61 17.61 37.14
C ALA A 552 -32.33 19.11 37.23
N LEU A 553 -33.05 19.89 36.43
CA LEU A 553 -32.92 21.33 36.59
C LEU A 553 -33.76 21.84 37.76
N PHE A 554 -35.05 21.58 37.74
CA PHE A 554 -35.96 22.21 38.70
C PHE A 554 -35.75 21.71 40.13
N PHE A 555 -35.60 20.39 40.38
CA PHE A 555 -35.44 19.88 41.75
C PHE A 555 -34.10 20.29 42.34
N ASN A 556 -32.99 20.31 41.55
CA ASN A 556 -31.69 20.75 42.03
C ASN A 556 -31.72 22.21 42.44
N LEU A 557 -32.33 23.03 41.66
CA LEU A 557 -32.47 24.43 42.05
C LEU A 557 -33.23 24.57 43.37
N LEU A 558 -34.24 23.76 43.57
CA LEU A 558 -34.99 23.82 44.82
C LEU A 558 -34.13 23.42 46.01
N VAL A 559 -33.30 22.34 45.88
CA VAL A 559 -32.45 21.89 46.97
C VAL A 559 -31.41 22.94 47.31
N ILE A 560 -30.75 23.53 46.34
CA ILE A 560 -29.78 24.59 46.57
C ILE A 560 -30.42 25.74 47.34
N LEU A 561 -31.58 26.15 46.97
CA LEU A 561 -32.25 27.29 47.58
C LEU A 561 -32.57 27.04 49.05
N THR A 562 -33.10 25.80 49.35
CA THR A 562 -33.47 25.54 50.74
C THR A 562 -32.25 25.23 51.62
N THR A 563 -31.13 24.78 51.00
CA THR A 563 -29.98 24.42 51.82
C THR A 563 -29.09 25.62 52.13
N PHE A 564 -28.79 26.43 51.15
CA PHE A 564 -27.81 27.51 51.32
C PHE A 564 -28.46 28.86 51.60
N ALA A 565 -29.74 28.87 51.97
CA ALA A 565 -30.39 30.14 52.29
C ALA A 565 -31.28 30.05 53.51
N SER A 566 -30.86 29.32 54.53
CA SER A 566 -31.60 29.22 55.80
C SER A 566 -30.69 29.80 56.89
N CYS A 567 -29.38 29.73 56.65
CA CYS A 567 -28.40 30.28 57.61
C CYS A 567 -29.04 30.31 59.01
N LEU A 570 -23.64 26.50 58.84
CA LEU A 570 -24.11 25.19 58.43
C LEU A 570 -23.21 24.24 59.18
N PRO A 571 -23.58 22.97 59.42
CA PRO A 571 -22.67 22.05 60.03
C PRO A 571 -21.90 21.42 58.88
N SER A 572 -21.10 20.36 59.08
CA SER A 572 -20.26 19.74 58.02
C SER A 572 -20.92 18.57 57.34
N SER A 573 -22.23 18.41 57.43
CA SER A 573 -23.04 17.35 56.77
C SER A 573 -23.92 18.03 55.76
N LYS A 574 -24.64 19.03 56.07
CA LYS A 574 -25.53 19.84 55.25
C LYS A 574 -24.76 20.56 54.15
N LEU A 575 -23.57 21.08 54.43
CA LEU A 575 -22.73 21.72 53.44
C LEU A 575 -22.34 20.74 52.34
N PHE A 576 -22.01 19.53 52.68
CA PHE A 576 -21.62 18.52 51.70
C PHE A 576 -22.79 18.16 50.79
N ILE A 577 -24.02 18.05 51.36
CA ILE A 577 -25.21 17.75 50.56
C ILE A 577 -25.49 18.88 49.58
N GLY A 578 -25.36 20.12 49.99
CA GLY A 578 -25.54 21.25 49.08
C GLY A 578 -24.54 21.28 47.96
N LEU A 579 -23.27 20.96 48.22
CA LEU A 579 -22.26 20.95 47.17
C LEU A 579 -22.51 19.84 46.15
N ILE A 580 -23.05 18.66 46.51
CA ILE A 580 -23.37 17.53 45.57
C ILE A 580 -24.60 17.95 44.81
N SER A 581 -25.40 18.86 45.30
CA SER A 581 -26.50 19.41 44.52
C SER A 581 -26.01 20.40 43.47
N VAL A 582 -24.95 21.22 43.75
CA VAL A 582 -24.36 22.14 42.78
C VAL A 582 -23.80 21.37 41.59
N SER A 583 -23.00 20.31 41.77
CA SER A 583 -22.36 19.52 40.71
C SER A 583 -23.39 18.71 39.92
N ASN A 584 -24.59 18.42 40.43
CA ASN A 584 -25.68 17.84 39.68
C ASN A 584 -26.40 18.89 38.83
N LEU A 585 -26.48 20.11 39.32
CA LEU A 585 -27.06 21.20 38.53
C LEU A 585 -26.24 21.48 37.28
N PHE A 586 -24.89 21.42 37.39
CA PHE A 586 -24.05 21.61 36.21
C PHE A 586 -24.21 20.47 35.22
N MET A 587 -24.33 19.19 35.65
CA MET A 587 -24.60 18.06 34.76
C MET A 587 -25.93 18.26 34.01
N GLY A 588 -26.93 18.72 34.71
CA GLY A 588 -28.19 19.01 34.05
C GLY A 588 -28.07 20.11 33.00
N ILE A 589 -27.21 21.05 33.26
CA ILE A 589 -26.95 22.08 32.26
C ILE A 589 -26.32 21.47 31.01
N TYR A 590 -25.39 20.46 31.17
CA TYR A 590 -24.77 19.79 30.02
C TYR A 590 -25.81 19.02 29.20
N THR A 591 -26.71 18.21 29.81
CA THR A 591 -27.70 17.44 29.08
C THR A 591 -28.75 18.34 28.42
N GLY A 592 -29.05 19.47 28.91
CA GLY A 592 -29.90 20.45 28.26
C GLY A 592 -29.28 21.00 26.99
N ILE A 593 -28.04 21.25 27.01
CA ILE A 593 -27.34 21.66 25.80
C ILE A 593 -27.46 20.58 24.74
N LEU A 594 -27.36 19.32 25.11
CA LEU A 594 -27.48 18.22 24.15
C LEU A 594 -28.87 18.16 23.54
N THR A 595 -29.96 18.27 24.33
CA THR A 595 -31.32 18.20 23.81
C THR A 595 -31.69 19.40 22.95
N PHE A 596 -31.22 20.64 23.24
CA PHE A 596 -31.46 21.80 22.38
C PHE A 596 -30.79 21.63 21.02
N LEU A 597 -29.54 21.10 20.99
CA LEU A 597 -28.87 20.83 19.73
C LEU A 597 -29.64 19.82 18.90
N ASP A 598 -30.12 18.77 19.53
CA ASP A 598 -30.94 17.80 18.79
C ASP A 598 -32.20 18.44 18.24
N ALA A 599 -32.80 19.33 19.08
CA ALA A 599 -34.05 19.93 18.65
C ALA A 599 -33.84 20.86 17.47
N VAL A 600 -32.76 21.73 17.52
CA VAL A 600 -32.54 22.69 16.44
C VAL A 600 -32.31 21.97 15.12
N SER A 601 -31.49 21.01 15.16
CA SER A 601 -31.14 20.28 13.93
C SER A 601 -31.92 18.96 13.85
N TRP A 602 -33.26 19.11 13.60
CA TRP A 602 -34.14 17.96 13.43
C TRP A 602 -34.42 17.73 11.94
N GLY A 603 -34.28 16.50 11.54
CA GLY A 603 -34.49 16.14 10.16
C GLY A 603 -33.24 16.14 9.30
N ARG A 604 -32.18 16.81 9.80
CA ARG A 604 -30.92 16.85 9.06
C ARG A 604 -29.80 17.14 10.04
N PHE A 605 -28.64 16.48 9.88
CA PHE A 605 -27.49 16.66 10.75
C PHE A 605 -26.17 16.81 9.99
N ALA A 606 -26.12 16.50 8.71
CA ALA A 606 -24.91 16.72 7.94
C ALA A 606 -24.55 18.19 7.88
N GLU A 607 -25.51 19.01 7.79
CA GLU A 607 -25.26 20.45 7.73
C GLU A 607 -24.64 20.95 9.03
N PHE A 608 -25.00 20.44 10.15
CA PHE A 608 -24.53 20.91 11.45
C PHE A 608 -23.43 20.04 12.05
N GLY A 609 -23.26 18.81 11.58
CA GLY A 609 -22.30 17.92 12.22
C GLY A 609 -20.86 18.37 12.06
N ILE A 610 -20.47 18.79 10.81
CA ILE A 610 -19.11 19.25 10.56
C ILE A 610 -18.83 20.52 11.36
N TRP A 611 -19.73 21.42 11.43
CA TRP A 611 -19.56 22.66 12.19
C TRP A 611 -19.47 22.39 13.68
N TRP A 612 -20.14 21.27 14.09
CA TRP A 612 -20.16 20.95 15.52
C TRP A 612 -18.88 20.24 15.97
N GLU A 613 -18.46 19.15 15.21
CA GLU A 613 -17.35 18.33 15.68
C GLU A 613 -16.02 19.08 15.61
N THR A 614 -15.77 19.82 14.48
CA THR A 614 -14.52 20.57 14.34
C THR A 614 -14.60 21.95 15.00
N GLY A 615 -15.79 22.36 15.49
CA GLY A 615 -15.98 23.64 16.14
C GLY A 615 -15.46 23.66 17.56
N SER A 616 -15.80 24.81 18.26
CA SER A 616 -15.34 24.99 19.63
C SER A 616 -16.42 24.70 20.66
N GLY A 617 -17.74 24.63 20.26
CA GLY A 617 -18.79 24.32 21.23
C GLY A 617 -18.63 22.95 21.84
N CYS A 618 -18.20 22.04 21.10
CA CYS A 618 -18.01 20.70 21.62
C CYS A 618 -17.00 20.68 22.77
N LYS A 619 -16.05 21.58 22.76
CA LYS A 619 -15.09 21.66 23.85
C LYS A 619 -15.76 22.07 25.16
N VAL A 620 -16.65 23.11 25.15
CA VAL A 620 -17.36 23.55 26.34
C VAL A 620 -18.30 22.47 26.83
N ALA A 621 -19.01 21.81 25.84
CA ALA A 621 -19.93 20.74 26.23
C ALA A 621 -19.20 19.60 26.94
N GLY A 622 -18.04 19.22 26.43
CA GLY A 622 -17.27 18.18 27.07
C GLY A 622 -16.70 18.62 28.40
N PHE A 623 -16.25 19.84 28.52
CA PHE A 623 -15.75 20.37 29.80
C PHE A 623 -16.82 20.28 30.87
N LEU A 624 -18.05 20.75 30.58
CA LEU A 624 -19.12 20.68 31.57
C LEU A 624 -19.49 19.23 31.90
N ALA A 625 -19.56 18.30 30.89
CA ALA A 625 -20.00 16.92 31.11
C ALA A 625 -19.04 16.18 32.02
N VAL A 626 -17.73 16.32 31.77
CA VAL A 626 -16.74 15.58 32.56
C VAL A 626 -16.58 16.25 33.93
N PHE A 627 -16.50 17.54 33.97
CA PHE A 627 -16.46 18.28 35.27
C PHE A 627 -17.64 17.93 36.19
N SER A 628 -18.91 18.01 35.77
CA SER A 628 -20.06 17.60 36.57
C SER A 628 -20.02 16.15 36.94
N SER A 629 -19.32 15.23 36.22
CA SER A 629 -19.40 13.79 36.52
C SER A 629 -18.36 13.36 37.50
N GLU A 630 -17.27 14.07 37.69
CA GLU A 630 -16.15 13.67 38.56
C GLU A 630 -16.05 14.57 39.77
N SER A 631 -16.81 15.61 39.87
CA SER A 631 -16.79 16.55 40.99
C SER A 631 -17.87 16.08 41.93
N ALA A 632 -18.70 15.07 41.51
CA ALA A 632 -19.79 14.56 42.33
C ALA A 632 -19.43 13.17 42.78
N ILE A 633 -18.36 12.58 42.26
CA ILE A 633 -17.91 11.27 42.75
C ILE A 633 -16.86 11.51 43.81
N PHE A 634 -16.17 12.65 43.89
CA PHE A 634 -15.21 12.99 44.96
C PHE A 634 -15.89 13.81 46.05
N LEU A 635 -17.01 14.42 45.82
CA LEU A 635 -17.73 15.10 46.89
C LEU A 635 -18.60 14.04 47.59
N LEU A 636 -18.77 12.80 47.09
CA LEU A 636 -19.53 11.75 47.82
C LEU A 636 -18.53 10.80 48.46
N MET A 637 -17.21 10.83 48.18
CA MET A 637 -16.14 10.02 48.84
C MET A 637 -15.55 10.83 49.97
N LEU A 638 -15.89 12.05 50.13
CA LEU A 638 -15.49 12.85 51.29
C LEU A 638 -16.73 12.94 52.17
N ALA A 639 -17.91 12.50 51.74
CA ALA A 639 -19.08 12.58 52.65
C ALA A 639 -19.25 11.28 53.35
N THR A 640 -18.50 10.27 52.93
CA THR A 640 -18.51 9.01 53.68
C THR A 640 -17.44 9.14 54.78
N VAL A 641 -16.39 9.93 54.58
CA VAL A 641 -15.31 10.15 55.60
C VAL A 641 -15.75 11.15 56.64
N GLU A 642 -16.92 11.83 56.48
CA GLU A 642 -17.46 12.69 57.56
C GLU A 642 -18.51 11.91 58.34
N ARG A 643 -18.92 10.69 57.96
CA ARG A 643 -19.88 9.93 58.80
C ARG A 643 -19.04 8.92 59.53
N SER A 644 -18.21 8.18 58.84
CA SER A 644 -17.27 7.33 59.59
C SER A 644 -16.54 8.09 60.71
N LEU A 645 -16.32 9.41 60.57
CA LEU A 645 -15.53 10.22 61.56
C LEU A 645 -16.50 10.92 62.48
N SER A 646 -17.68 10.35 62.72
CA SER A 646 -18.54 10.88 63.79
C SER A 646 -18.84 9.67 64.71
N ALA A 647 -17.90 8.75 64.79
CA ALA A 647 -18.04 7.49 65.58
C ALA A 647 -17.52 7.65 67.00
N ASN A 657 -13.20 20.54 66.70
CA ASN A 657 -13.09 19.32 65.87
C ASN A 657 -12.68 19.62 64.43
N HIS A 658 -13.56 19.56 63.46
CA HIS A 658 -13.13 19.69 62.07
C HIS A 658 -13.96 20.58 61.15
N LEU A 659 -14.64 21.56 61.59
CA LEU A 659 -15.40 22.38 60.60
C LEU A 659 -14.43 23.05 59.62
N LYS A 660 -13.28 23.57 60.09
CA LYS A 660 -12.29 24.24 59.25
C LYS A 660 -11.86 23.31 58.16
N GLN A 661 -11.44 22.09 58.51
CA GLN A 661 -10.85 21.21 57.51
C GLN A 661 -11.89 20.70 56.55
N PHE A 662 -13.05 20.46 56.97
CA PHE A 662 -13.97 19.95 55.93
C PHE A 662 -14.24 21.11 54.99
N ARG A 663 -14.25 22.36 55.40
CA ARG A 663 -14.43 23.49 54.43
C ARG A 663 -13.24 23.73 53.49
N VAL A 664 -12.01 23.41 53.85
CA VAL A 664 -10.89 23.58 52.87
C VAL A 664 -10.62 22.30 52.12
N ALA A 665 -11.39 21.25 52.29
CA ALA A 665 -11.22 20.04 51.46
C ALA A 665 -12.38 19.94 50.50
N ALA A 666 -13.29 20.86 50.61
CA ALA A 666 -14.39 20.87 49.65
C ALA A 666 -14.00 21.85 48.56
N LEU A 667 -12.85 22.54 48.68
CA LEU A 667 -12.41 23.40 47.56
C LEU A 667 -11.42 22.59 46.79
N LEU A 668 -10.79 21.65 47.42
CA LEU A 668 -9.76 20.93 46.70
C LEU A 668 -10.44 19.77 46.00
N ALA A 669 -11.78 19.68 46.09
CA ALA A 669 -12.47 18.64 45.30
C ALA A 669 -13.08 19.28 44.10
N PHE A 670 -13.46 20.54 44.28
CA PHE A 670 -14.04 21.30 43.14
C PHE A 670 -12.92 21.81 42.24
N LEU A 671 -11.68 22.06 42.75
CA LEU A 671 -10.51 22.45 41.88
C LEU A 671 -9.76 21.23 41.33
N GLY A 672 -9.68 20.07 42.07
CA GLY A 672 -9.11 18.84 41.49
C GLY A 672 -9.94 18.34 40.32
N ALA A 673 -11.27 18.41 40.42
CA ALA A 673 -12.13 18.03 39.27
C ALA A 673 -11.83 18.86 38.05
N THR A 674 -11.84 20.16 38.19
CA THR A 674 -11.45 21.04 37.05
C THR A 674 -10.21 20.50 36.32
N VAL A 675 -9.14 20.22 37.03
CA VAL A 675 -7.98 19.73 36.25
C VAL A 675 -8.43 18.67 35.25
N ALA A 676 -9.19 17.58 35.60
CA ALA A 676 -9.47 16.54 34.59
C ALA A 676 -10.10 17.06 33.29
N GLY A 677 -11.21 17.81 33.35
CA GLY A 677 -11.76 18.41 32.13
C GLY A 677 -10.84 19.41 31.47
N CYS A 678 -10.38 20.36 32.18
CA CYS A 678 -9.46 21.30 31.51
C CYS A 678 -8.40 20.50 30.76
N PHE A 679 -8.07 19.35 31.24
CA PHE A 679 -7.03 18.47 30.63
C PHE A 679 -7.48 17.95 29.30
N PRO A 680 -8.53 17.08 29.12
CA PRO A 680 -8.72 16.61 27.77
C PRO A 680 -8.81 17.89 26.92
N LEU A 681 -8.99 19.11 27.37
CA LEU A 681 -9.10 20.24 26.40
C LEU A 681 -7.73 20.56 25.77
N PHE A 682 -6.68 19.98 26.21
CA PHE A 682 -5.30 20.28 25.72
C PHE A 682 -4.49 18.99 25.56
N HIS A 683 -4.82 18.18 24.49
CA HIS A 683 -4.04 16.95 24.21
C HIS A 683 -4.88 16.01 23.35
N GLU A 686 -10.21 12.25 23.30
CA GLU A 686 -10.42 13.68 22.97
C GLU A 686 -11.91 13.89 22.79
N TYR A 687 -12.39 15.11 22.69
CA TYR A 687 -13.83 15.39 22.60
C TYR A 687 -14.26 15.48 21.14
N SER A 688 -13.94 14.49 20.28
CA SER A 688 -14.25 14.66 18.84
C SER A 688 -14.53 13.33 18.13
N ALA A 689 -14.69 12.24 18.85
CA ALA A 689 -14.93 10.92 18.26
C ALA A 689 -16.40 10.50 18.43
N SER A 690 -17.32 11.46 18.61
CA SER A 690 -18.77 11.18 18.72
C SER A 690 -19.48 12.51 18.73
N PRO A 691 -20.77 12.62 18.32
CA PRO A 691 -21.43 13.88 18.46
C PRO A 691 -21.94 14.16 19.86
N LEU A 692 -21.92 13.20 20.81
CA LEU A 692 -22.47 13.33 22.19
C LEU A 692 -21.38 13.95 23.03
N CYS A 693 -20.35 14.44 22.41
CA CYS A 693 -19.22 15.14 23.03
C CYS A 693 -18.76 14.61 24.38
N LEU A 694 -18.60 13.32 24.56
CA LEU A 694 -18.06 12.75 25.83
C LEU A 694 -16.74 12.15 25.47
N PRO A 695 -15.93 11.71 26.44
CA PRO A 695 -14.68 11.03 26.15
C PRO A 695 -14.66 9.51 26.04
N PHE A 696 -15.67 8.85 26.58
CA PHE A 696 -15.63 7.38 26.65
C PHE A 696 -16.97 6.78 26.26
N PRO A 697 -17.76 7.34 25.35
CA PRO A 697 -19.01 6.66 25.06
C PRO A 697 -18.58 5.33 24.46
N THR A 698 -17.52 5.55 23.70
CA THR A 698 -17.00 4.33 23.06
C THR A 698 -15.73 3.94 23.81
N GLY A 699 -14.77 5.07 24.03
CA GLY A 699 -13.51 4.78 24.72
C GLY A 699 -12.60 5.98 24.70
N SER A 703 -8.16 6.32 21.38
CA SER A 703 -7.07 6.54 22.31
C SER A 703 -7.29 5.69 23.56
N LEU A 704 -6.20 5.14 24.09
CA LEU A 704 -6.22 4.34 25.31
C LEU A 704 -5.73 5.14 26.51
N GLY A 705 -6.04 6.46 26.55
CA GLY A 705 -5.56 7.35 27.59
C GLY A 705 -6.59 7.71 28.64
N PHE A 706 -7.24 8.89 28.46
CA PHE A 706 -8.15 9.46 29.46
C PHE A 706 -9.26 8.49 29.85
N THR A 707 -9.76 7.74 28.92
CA THR A 707 -10.92 6.88 29.19
C THR A 707 -10.61 5.79 30.21
N VAL A 708 -9.53 5.08 30.04
CA VAL A 708 -9.20 3.98 30.93
C VAL A 708 -8.81 4.50 32.30
N THR A 709 -8.09 5.66 32.39
CA THR A 709 -7.76 6.28 33.66
C THR A 709 -9.00 6.73 34.42
N LEU A 710 -9.97 7.39 33.78
CA LEU A 710 -11.21 7.79 34.42
C LEU A 710 -11.95 6.57 34.97
N VAL A 711 -12.05 5.55 34.20
CA VAL A 711 -12.78 4.36 34.62
C VAL A 711 -12.10 3.72 35.83
N LEU A 712 -10.79 3.64 35.84
CA LEU A 712 -10.06 3.02 36.95
C LEU A 712 -10.20 3.85 38.22
N LEU A 713 -10.07 5.19 38.16
CA LEU A 713 -10.20 6.05 39.33
C LEU A 713 -11.60 5.96 39.93
N ASN A 714 -12.63 6.01 39.11
CA ASN A 714 -14.00 5.91 39.62
C ASN A 714 -14.26 4.57 40.28
N SER A 715 -13.74 3.49 39.74
CA SER A 715 -13.96 2.18 40.33
C SER A 715 -13.27 2.05 41.69
N LEU A 716 -12.03 2.53 41.86
CA LEU A 716 -11.35 2.46 43.16
C LEU A 716 -12.02 3.36 44.19
N ALA A 717 -12.49 4.52 43.83
CA ALA A 717 -13.18 5.40 44.76
C ALA A 717 -14.46 4.75 45.27
N PHE A 718 -15.19 4.09 44.39
CA PHE A 718 -16.42 3.44 44.81
C PHE A 718 -16.13 2.22 45.70
N LEU A 719 -15.04 1.47 45.42
CA LEU A 719 -14.67 0.35 46.27
C LEU A 719 -14.34 0.82 47.68
N LEU A 720 -13.47 1.81 47.80
CA LEU A 720 -13.12 2.38 49.10
C LEU A 720 -14.34 2.99 49.80
N MET A 721 -15.27 3.57 49.04
CA MET A 721 -16.45 4.20 49.63
C MET A 721 -17.29 3.16 50.37
N ALA A 722 -17.45 1.99 49.74
CA ALA A 722 -18.20 0.90 50.36
C ALA A 722 -17.41 0.22 51.47
N VAL A 723 -16.11 0.13 51.27
CA VAL A 723 -15.29 -0.49 52.31
C VAL A 723 -15.37 0.32 53.60
N ILE A 724 -15.32 1.70 53.46
CA ILE A 724 -15.41 2.55 54.65
C ILE A 724 -16.75 2.38 55.33
N TYR A 725 -17.83 2.40 54.52
CA TYR A 725 -19.16 2.31 55.12
C TYR A 725 -19.43 0.92 55.68
N THR A 726 -18.70 -0.08 55.16
CA THR A 726 -18.88 -1.43 55.71
C THR A 726 -18.49 -1.48 57.18
N LYS A 727 -17.37 -0.77 57.51
CA LYS A 727 -16.95 -0.72 58.90
C LYS A 727 -18.01 -0.07 59.78
N LEU A 728 -18.59 1.07 59.26
CA LEU A 728 -19.63 1.77 60.01
C LEU A 728 -20.92 0.97 60.10
N TYR A 729 -21.19 0.17 59.06
CA TYR A 729 -22.41 -0.65 59.08
C TYR A 729 -22.45 -1.54 60.31
N CYS A 730 -21.31 -2.13 60.64
CA CYS A 730 -21.26 -2.96 61.84
C CYS A 730 -21.19 -2.15 63.12
N ASN A 731 -20.95 -0.81 63.00
CA ASN A 731 -20.86 0.04 64.18
C ASN A 731 -22.22 0.61 64.55
N ASN A 740 -32.79 9.47 67.23
CA ASN A 740 -31.91 10.63 67.23
C ASN A 740 -31.59 11.09 65.81
N SER A 741 -30.93 12.32 65.56
CA SER A 741 -30.59 12.85 64.24
C SER A 741 -29.48 12.04 63.59
N GLN A 742 -28.54 11.48 64.25
CA GLN A 742 -27.44 10.70 63.69
C GLN A 742 -27.96 9.49 62.92
N SER A 743 -28.93 8.87 63.32
CA SER A 743 -29.52 7.73 62.60
C SER A 743 -30.16 8.18 61.28
N SER A 744 -30.80 9.34 61.14
CA SER A 744 -31.40 9.84 59.90
C SER A 744 -30.33 10.17 58.86
N MET A 745 -29.20 10.87 59.13
CA MET A 745 -28.10 11.15 58.22
C MET A 745 -27.41 9.89 57.72
N ILE A 746 -27.18 8.92 58.46
CA ILE A 746 -26.61 7.65 58.05
C ILE A 746 -27.47 7.00 56.98
N LYS A 747 -28.71 7.03 57.10
CA LYS A 747 -29.61 6.45 56.10
C LYS A 747 -29.55 7.20 54.79
N HIS A 748 -29.42 8.49 54.76
CA HIS A 748 -29.37 9.28 53.53
C HIS A 748 -28.08 9.00 52.75
N VAL A 749 -26.93 8.95 53.40
CA VAL A 749 -25.66 8.71 52.73
C VAL A 749 -25.60 7.29 52.19
N ALA A 750 -26.16 6.30 52.88
CA ALA A 750 -26.20 4.92 52.39
C ALA A 750 -27.02 4.82 51.11
N TRP A 751 -28.18 5.44 51.06
CA TRP A 751 -28.96 5.43 49.83
C TRP A 751 -28.24 6.13 48.69
N LEU A 752 -27.61 7.20 48.93
CA LEU A 752 -26.83 7.88 47.89
C LEU A 752 -25.72 7.00 47.34
N ILE A 753 -25.01 6.29 48.16
CA ILE A 753 -23.93 5.43 47.67
C ILE A 753 -24.49 4.24 46.90
N PHE A 754 -25.64 3.60 47.31
CA PHE A 754 -26.21 2.47 46.59
C PHE A 754 -26.70 2.87 45.20
N THR A 755 -27.47 3.99 45.13
CA THR A 755 -27.94 4.46 43.83
C THR A 755 -26.79 4.79 42.89
N ASN A 756 -25.83 5.49 43.33
CA ASN A 756 -24.73 5.88 42.45
C ASN A 756 -23.91 4.68 42.01
N CYS A 757 -23.80 3.63 42.87
CA CYS A 757 -23.06 2.44 42.47
C CYS A 757 -23.84 1.59 41.48
N ILE A 758 -25.17 1.54 41.72
CA ILE A 758 -25.98 0.73 40.81
C ILE A 758 -26.05 1.36 39.42
N PHE A 759 -26.29 2.70 39.40
CA PHE A 759 -26.52 3.35 38.11
C PHE A 759 -25.25 3.47 37.27
N PHE A 760 -24.07 3.26 37.82
CA PHE A 760 -22.81 3.41 37.11
C PHE A 760 -22.35 2.13 36.41
N CYS A 761 -22.87 0.99 36.77
CA CYS A 761 -22.35 -0.27 36.24
C CYS A 761 -22.60 -0.43 34.73
N PRO A 762 -23.81 -0.09 34.21
CA PRO A 762 -23.98 -0.13 32.75
C PRO A 762 -22.96 0.70 31.98
N VAL A 763 -22.66 1.91 32.46
CA VAL A 763 -21.74 2.77 31.74
C VAL A 763 -20.34 2.17 31.75
N ALA A 764 -19.89 1.60 32.95
CA ALA A 764 -18.57 0.98 33.04
C ALA A 764 -18.50 -0.27 32.15
N PHE A 765 -19.56 -1.02 32.20
CA PHE A 765 -19.53 -2.27 31.45
C PHE A 765 -19.52 -2.02 29.95
N PHE A 766 -20.33 -1.11 29.51
CA PHE A 766 -20.35 -0.82 28.07
C PHE A 766 -19.24 0.13 27.65
N SER A 767 -18.52 0.75 28.58
CA SER A 767 -17.38 1.59 28.21
C SER A 767 -16.27 0.76 27.60
N PHE A 768 -16.09 -0.52 28.04
CA PHE A 768 -15.11 -1.43 27.47
C PHE A 768 -15.71 -2.15 26.26
N ALA A 769 -16.29 -1.42 25.29
CA ALA A 769 -16.90 -2.04 24.11
C ALA A 769 -15.87 -2.72 23.21
N PRO A 770 -14.74 -2.10 22.83
CA PRO A 770 -13.80 -2.80 21.94
C PRO A 770 -13.21 -4.06 22.55
N LEU A 771 -13.07 -4.15 23.89
CA LEU A 771 -12.46 -5.32 24.53
C LEU A 771 -13.32 -6.56 24.37
N ILE A 772 -14.62 -6.44 24.52
CA ILE A 772 -15.52 -7.59 24.51
C ILE A 772 -16.59 -7.53 23.44
N THR A 773 -16.83 -6.37 22.86
CA THR A 773 -17.81 -6.20 21.80
C THR A 773 -19.24 -6.51 22.23
N ALA A 774 -19.39 -6.91 23.52
CA ALA A 774 -20.71 -7.20 24.11
C ALA A 774 -21.49 -8.19 23.23
N ILE A 775 -20.79 -9.30 22.88
CA ILE A 775 -21.34 -10.33 22.00
C ILE A 775 -21.82 -9.68 20.71
N SER A 776 -20.93 -8.90 20.10
CA SER A 776 -21.20 -8.23 18.83
C SER A 776 -22.48 -7.39 18.91
N ILE A 777 -22.54 -6.61 19.99
CA ILE A 777 -23.69 -5.74 20.21
C ILE A 777 -23.69 -4.64 19.16
N SER A 778 -24.86 -4.24 18.77
CA SER A 778 -24.97 -3.15 17.82
C SER A 778 -24.62 -1.83 18.48
N PRO A 779 -23.84 -0.96 17.76
CA PRO A 779 -23.54 0.36 18.36
C PRO A 779 -24.79 1.15 18.67
N GLU A 780 -25.79 1.02 17.83
CA GLU A 780 -27.03 1.77 18.08
C GLU A 780 -27.66 1.38 19.42
N ILE A 781 -27.69 0.16 19.72
CA ILE A 781 -28.33 -0.31 20.94
C ILE A 781 -27.53 0.13 22.17
N MET A 782 -26.23 -0.01 22.13
CA MET A 782 -25.42 0.29 23.31
C MET A 782 -25.26 1.79 23.51
N LYS A 783 -25.26 2.57 22.42
CA LYS A 783 -25.22 4.03 22.55
C LYS A 783 -26.45 4.54 23.29
N SER A 784 -27.58 3.88 22.99
CA SER A 784 -28.80 4.26 23.70
C SER A 784 -28.62 4.11 25.21
N VAL A 785 -28.13 3.02 25.63
CA VAL A 785 -28.06 2.75 27.07
C VAL A 785 -26.92 3.52 27.72
N THR A 786 -25.90 3.88 26.97
CA THR A 786 -24.89 4.74 27.56
C THR A 786 -25.29 6.21 27.48
N LEU A 787 -26.41 6.53 26.71
CA LEU A 787 -26.93 7.89 26.67
C LEU A 787 -28.01 8.15 27.71
N ILE A 788 -28.91 7.19 28.08
CA ILE A 788 -29.97 7.39 29.07
C ILE A 788 -29.46 7.18 30.49
N PHE A 789 -28.69 6.19 30.66
CA PHE A 789 -28.26 5.82 32.00
C PHE A 789 -27.08 6.63 32.51
N PHE A 790 -26.56 7.49 31.77
CA PHE A 790 -25.39 8.25 32.22
C PHE A 790 -25.81 9.49 33.03
N PRO A 791 -26.74 10.32 32.63
CA PRO A 791 -27.18 11.44 33.46
C PRO A 791 -28.27 11.08 34.46
N LEU A 792 -28.64 9.82 34.51
CA LEU A 792 -29.67 9.40 35.46
C LEU A 792 -29.31 9.63 36.93
N PRO A 793 -28.05 9.22 37.44
CA PRO A 793 -27.80 9.40 38.88
C PRO A 793 -27.93 10.84 39.35
N ALA A 794 -27.59 11.77 38.47
CA ALA A 794 -27.83 13.17 38.83
C ALA A 794 -29.22 13.62 38.39
N CYS A 795 -30.14 12.72 38.67
CA CYS A 795 -31.55 13.05 38.46
C CYS A 795 -32.45 12.67 39.61
N LEU A 796 -32.05 11.66 40.41
CA LEU A 796 -32.83 11.27 41.57
C LEU A 796 -32.14 11.59 42.90
N ASN A 797 -30.87 12.04 42.86
CA ASN A 797 -30.24 12.57 44.05
C ASN A 797 -31.00 13.74 44.68
N PRO A 798 -31.43 14.70 43.85
CA PRO A 798 -32.31 15.71 44.47
C PRO A 798 -33.76 15.29 44.57
N VAL A 799 -34.10 14.09 44.01
CA VAL A 799 -35.45 13.56 44.15
C VAL A 799 -35.58 12.71 45.41
N LEU A 800 -34.56 11.83 45.58
CA LEU A 800 -34.59 11.00 46.77
C LEU A 800 -34.51 11.84 48.04
N TYR A 801 -33.70 12.91 47.95
CA TYR A 801 -33.49 13.72 49.13
C TYR A 801 -34.67 14.62 49.46
N VAL A 802 -35.60 14.95 48.59
CA VAL A 802 -36.68 15.97 48.80
C VAL A 802 -38.04 15.42 49.20
N PHE A 803 -38.32 14.13 49.06
CA PHE A 803 -39.64 13.52 49.29
C PHE A 803 -39.47 12.38 50.26
N PHE A 804 -38.26 12.11 50.75
CA PHE A 804 -38.02 11.05 51.75
C PHE A 804 -36.87 11.41 52.71
N ASN A 805 -36.73 12.65 53.30
CA ASN A 805 -35.68 12.93 54.33
C ASN A 805 -36.16 13.96 55.32
N PRO A 806 -36.12 13.70 56.66
CA PRO A 806 -36.69 14.60 57.65
C PRO A 806 -36.22 16.05 57.65
N LYS A 807 -35.03 16.34 57.18
CA LYS A 807 -34.56 17.73 57.33
C LYS A 807 -35.06 18.56 56.15
N PHE A 808 -35.52 17.99 55.13
CA PHE A 808 -36.03 18.88 54.07
C PHE A 808 -37.28 19.52 54.62
N LYS A 809 -38.22 18.81 55.33
CA LYS A 809 -39.41 19.52 55.87
C LYS A 809 -39.05 20.78 56.70
N GLU A 810 -38.22 20.65 57.78
CA GLU A 810 -37.90 21.78 58.70
C GLU A 810 -37.29 22.95 57.96
N ASP A 811 -36.38 22.64 57.09
CA ASP A 811 -35.68 23.78 56.46
C ASP A 811 -36.69 24.46 55.56
N TRP A 812 -37.53 23.74 54.87
CA TRP A 812 -38.59 24.41 54.08
C TRP A 812 -39.32 25.38 54.99
N LYS A 813 -39.71 25.05 56.18
CA LYS A 813 -40.55 25.97 57.00
C LYS A 813 -39.74 27.15 57.53
N LEU A 814 -38.50 26.99 57.90
CA LEU A 814 -37.65 28.11 58.35
C LEU A 814 -37.40 29.01 57.15
N LEU A 815 -37.85 28.63 55.92
CA LEU A 815 -37.52 29.42 54.71
C LEU A 815 -38.65 30.38 54.41
N LYS A 816 -39.84 30.18 54.94
CA LYS A 816 -40.95 31.14 54.76
C LYS A 816 -40.96 32.14 55.94
#